data_9QN7
#
_entry.id   9QN7
#
_cell.length_a   84.940
_cell.length_b   84.940
_cell.length_c   346.330
_cell.angle_alpha   90.000
_cell.angle_beta   90.000
_cell.angle_gamma   90.000
#
_symmetry.space_group_name_H-M   'P 43 21 2'
#
loop_
_entity.id
_entity.type
_entity.pdbx_description
1 polymer Talin-1
2 polymer Tensin-3
3 water water
#
loop_
_entity_poly.entity_id
_entity_poly.type
_entity_poly.pdbx_seq_one_letter_code
_entity_poly.pdbx_strand_id
1 'polypeptide(L)'
;GTFTGIDPFTGTQACITAASAVSGIIADLDTTIMFATAGTLNREGAETFADHREGILKTAKVLVEDTKVLVQNAAGSQEK
LAQAAQSSVATITRLADVVKLGAASLGAEDPETQVVLINAVKDVAKALGDLISATKAAAGKVGDDPAVWQLKNSAKVMVT
NVTSLLKTVKAVEDEATKGTRALEATTEHIRQELAVFCSPEPPAKTSTPEDFIRMTKGITMATAKAVAAGNSCRQEDVIA
TANLSRRAIADMLRACKEAAFHPEVAPDVRLRALHYGRECANGYLELLDHVLLTLQKPNPDLKQQLTGHSKRVAGSVTEL
IQAAEAMKGT
;
A,B
2 'polypeptide(L)' TLDIDQSIEQLNRLILELDPTFEPIPT C,D
#
# COMPACT_ATOMS: atom_id res chain seq x y z
N THR A 4 -38.32 39.60 20.15
CA THR A 4 -37.09 40.08 20.78
C THR A 4 -35.88 39.73 19.94
N GLY A 5 -34.88 40.61 19.95
CA GLY A 5 -33.67 40.36 19.22
C GLY A 5 -32.69 39.50 19.98
N ILE A 6 -33.12 38.33 20.43
CA ILE A 6 -32.20 37.39 21.07
C ILE A 6 -31.11 37.02 20.07
N ASP A 7 -29.88 36.90 20.58
CA ASP A 7 -28.71 36.71 19.72
C ASP A 7 -28.87 35.46 18.86
N PRO A 8 -29.07 35.62 17.55
CA PRO A 8 -29.35 34.46 16.69
C PRO A 8 -28.19 34.12 15.76
N PHE A 9 -26.97 34.51 16.14
CA PHE A 9 -25.79 34.10 15.40
C PHE A 9 -24.77 33.41 16.32
N THR A 10 -25.22 32.97 17.49
CA THR A 10 -24.32 32.31 18.44
C THR A 10 -23.80 30.98 17.88
N GLY A 11 -24.66 30.22 17.19
CA GLY A 11 -24.24 29.01 16.53
C GLY A 11 -23.17 29.24 15.49
N THR A 12 -23.50 30.04 14.47
CA THR A 12 -22.53 30.64 13.56
C THR A 12 -21.26 31.13 14.29
N GLN A 13 -21.43 31.89 15.37
CA GLN A 13 -20.28 32.34 16.15
C GLN A 13 -19.48 31.16 16.71
N ALA A 14 -20.16 30.15 17.26
CA ALA A 14 -19.46 28.98 17.77
C ALA A 14 -18.65 28.29 16.67
N CYS A 15 -19.18 28.27 15.44
CA CYS A 15 -18.45 27.69 14.31
C CYS A 15 -17.16 28.47 14.02
N ILE A 16 -17.23 29.79 14.10
CA ILE A 16 -16.03 30.61 13.88
C ILE A 16 -15.00 30.35 14.96
N THR A 17 -15.42 30.42 16.23
CA THR A 17 -14.50 30.12 17.33
C THR A 17 -13.96 28.70 17.24
N ALA A 18 -14.81 27.73 16.87
CA ALA A 18 -14.35 26.36 16.69
C ALA A 18 -13.27 26.26 15.61
N ALA A 19 -13.46 26.96 14.49
CA ALA A 19 -12.48 26.94 13.42
C ALA A 19 -11.12 27.43 13.90
N SER A 20 -11.11 28.49 14.70
CA SER A 20 -9.87 29.01 15.28
C SER A 20 -9.19 27.97 16.16
N ALA A 21 -9.96 27.33 17.06
CA ALA A 21 -9.42 26.27 17.92
C ALA A 21 -8.82 25.13 17.11
N VAL A 22 -9.57 24.62 16.13
CA VAL A 22 -9.08 23.52 15.30
C VAL A 22 -7.80 23.92 14.58
N SER A 23 -7.71 25.14 14.10
CA SER A 23 -6.48 25.63 13.51
C SER A 23 -5.29 25.48 14.47
N GLY A 24 -5.51 25.78 15.75
CA GLY A 24 -4.43 25.69 16.72
C GLY A 24 -3.99 24.25 16.99
N ILE A 25 -4.95 23.34 17.12
CA ILE A 25 -4.64 21.91 17.29
C ILE A 25 -3.82 21.36 16.13
N ILE A 26 -4.22 21.66 14.89
CA ILE A 26 -3.41 21.24 13.75
C ILE A 26 -1.99 21.81 13.83
N ALA A 27 -1.87 23.11 14.04
CA ALA A 27 -0.56 23.70 14.27
C ALA A 27 0.21 23.00 15.38
N ASP A 28 -0.48 22.65 16.47
CA ASP A 28 0.15 21.88 17.53
C ASP A 28 0.57 20.48 17.10
N LEU A 29 -0.21 19.82 16.24
CA LEU A 29 0.25 18.54 15.72
C LEU A 29 1.41 18.67 14.75
N ASP A 30 1.45 19.72 13.94
CA ASP A 30 2.64 19.93 13.10
C ASP A 30 3.88 20.14 13.93
N THR A 31 3.77 20.88 15.03
CA THR A 31 4.90 21.06 15.92
C THR A 31 5.39 19.72 16.46
N THR A 32 4.46 18.87 16.90
CA THR A 32 4.85 17.58 17.46
C THR A 32 5.50 16.70 16.41
N ILE A 33 4.96 16.66 15.20
CA ILE A 33 5.63 15.93 14.11
C ILE A 33 7.07 16.42 13.95
N MET A 34 7.31 17.72 14.11
CA MET A 34 8.66 18.25 14.02
C MET A 34 9.57 17.65 15.09
N PHE A 35 9.16 17.73 16.35
CA PHE A 35 9.91 17.13 17.45
C PHE A 35 10.10 15.63 17.23
N ALA A 36 9.04 14.93 16.84
CA ALA A 36 9.12 13.48 16.76
C ALA A 36 10.09 13.06 15.65
N THR A 37 10.06 13.78 14.52
CA THR A 37 10.91 13.45 13.38
C THR A 37 12.37 13.55 13.78
N ALA A 38 12.68 14.49 14.66
CA ALA A 38 14.04 14.70 15.13
C ALA A 38 14.46 13.66 16.16
N GLY A 39 13.52 12.81 16.59
CA GLY A 39 13.86 11.81 17.58
C GLY A 39 13.86 12.27 19.02
N THR A 40 13.08 13.28 19.36
CA THR A 40 13.14 13.82 20.71
C THR A 40 11.83 13.61 21.46
N LEU A 41 10.88 12.92 20.86
CA LEU A 41 9.59 12.63 21.45
C LEU A 41 9.79 11.31 22.18
N ASN A 42 10.21 11.38 23.45
CA ASN A 42 10.64 10.14 24.11
C ASN A 42 9.48 9.39 24.76
N ARG A 43 9.68 8.08 24.85
CA ARG A 43 8.83 7.20 25.66
C ARG A 43 8.86 7.58 27.13
N GLU A 44 7.71 7.46 27.79
CA GLU A 44 7.62 7.60 29.24
C GLU A 44 7.90 6.26 29.92
N GLY A 45 9.18 5.93 30.06
CA GLY A 45 9.63 4.69 30.66
C GLY A 45 9.04 3.43 30.08
N ALA A 46 7.79 3.13 30.46
CA ALA A 46 7.11 1.92 30.02
C ALA A 46 5.85 2.36 29.32
N GLU A 47 4.69 2.28 29.96
CA GLU A 47 3.42 2.83 29.44
C GLU A 47 3.16 2.28 28.04
N THR A 48 3.07 0.96 27.97
CA THR A 48 2.73 0.23 26.76
C THR A 48 1.65 0.91 25.92
N PHE A 49 1.84 0.82 24.60
CA PHE A 49 0.90 1.34 23.62
C PHE A 49 -0.49 0.82 23.89
N ALA A 50 -0.59 -0.38 24.46
CA ALA A 50 -1.88 -1.02 24.68
C ALA A 50 -2.73 -0.18 25.60
N ASP A 51 -2.09 0.62 26.46
CA ASP A 51 -2.83 1.47 27.37
C ASP A 51 -3.46 2.60 26.57
N HIS A 52 -2.65 3.30 25.76
CA HIS A 52 -3.17 4.50 25.13
C HIS A 52 -4.22 4.11 24.10
N ARG A 53 -4.17 2.85 23.66
CA ARG A 53 -5.00 2.44 22.54
C ARG A 53 -6.45 2.59 22.95
N GLU A 54 -6.73 2.25 24.22
CA GLU A 54 -8.10 2.26 24.71
C GLU A 54 -8.61 3.70 24.75
N GLY A 55 -7.75 4.62 25.22
CA GLY A 55 -8.17 6.01 25.33
C GLY A 55 -8.41 6.61 23.98
N ILE A 56 -7.57 6.25 23.00
CA ILE A 56 -7.77 6.71 21.63
C ILE A 56 -9.10 6.21 21.12
N LEU A 57 -9.33 4.90 21.22
CA LEU A 57 -10.55 4.30 20.70
C LEU A 57 -11.78 4.85 21.41
N LYS A 58 -11.70 5.04 22.74
CA LYS A 58 -12.86 5.56 23.47
C LYS A 58 -13.19 6.98 23.01
N THR A 59 -12.19 7.85 22.97
CA THR A 59 -12.37 9.23 22.50
C THR A 59 -12.81 9.26 21.04
N ALA A 60 -12.22 8.42 20.19
CA ALA A 60 -12.66 8.30 18.81
C ALA A 60 -14.14 7.96 18.68
N LYS A 61 -14.68 7.10 19.55
CA LYS A 61 -16.13 6.86 19.43
C LYS A 61 -16.93 8.07 19.86
N VAL A 62 -16.46 8.80 20.88
CA VAL A 62 -17.14 10.04 21.26
C VAL A 62 -17.13 11.04 20.10
N LEU A 63 -16.01 11.12 19.39
CA LEU A 63 -15.91 12.02 18.23
C LEU A 63 -16.88 11.63 17.13
N VAL A 64 -17.18 10.34 16.98
CA VAL A 64 -18.18 9.91 16.00
C VAL A 64 -19.57 10.39 16.40
N GLU A 65 -19.89 10.35 17.69
CA GLU A 65 -21.18 10.92 18.12
C GLU A 65 -21.23 12.42 17.89
N ASP A 66 -20.13 13.12 18.19
CA ASP A 66 -20.11 14.56 17.99
C ASP A 66 -20.30 14.89 16.52
N THR A 67 -19.81 14.05 15.63
CA THR A 67 -20.02 14.24 14.20
C THR A 67 -21.52 14.15 13.89
N LYS A 68 -22.19 13.12 14.42
CA LYS A 68 -23.62 12.98 14.15
C LYS A 68 -24.39 14.16 14.71
N VAL A 69 -24.05 14.60 15.91
CA VAL A 69 -24.73 15.74 16.53
C VAL A 69 -24.54 17.00 15.68
N LEU A 70 -23.32 17.22 15.19
CA LEU A 70 -23.11 18.36 14.29
C LEU A 70 -24.00 18.28 13.06
N VAL A 71 -23.97 17.16 12.34
CA VAL A 71 -24.80 17.01 11.15
C VAL A 71 -26.28 17.26 11.49
N GLN A 72 -26.78 16.62 12.55
CA GLN A 72 -28.20 16.69 12.83
C GLN A 72 -28.63 18.09 13.28
N ASN A 73 -27.73 18.84 13.92
CA ASN A 73 -28.06 20.11 14.55
C ASN A 73 -27.75 21.34 13.69
N ALA A 74 -27.28 21.15 12.45
CA ALA A 74 -27.01 22.30 11.60
C ALA A 74 -28.30 23.03 11.25
N ALA A 75 -29.34 22.28 10.90
CA ALA A 75 -30.70 22.79 10.83
C ALA A 75 -31.30 22.71 12.22
N GLY A 76 -31.81 23.82 12.72
CA GLY A 76 -32.35 23.88 14.04
C GLY A 76 -31.71 25.02 14.80
N SER A 77 -31.98 25.05 16.12
CA SER A 77 -31.49 26.10 17.00
C SER A 77 -30.05 26.52 16.69
N GLN A 78 -29.81 27.84 16.72
CA GLN A 78 -28.46 28.38 16.88
C GLN A 78 -27.79 27.84 18.14
N GLU A 79 -28.53 27.82 19.26
CA GLU A 79 -27.99 27.36 20.53
C GLU A 79 -27.56 25.90 20.44
N LYS A 80 -28.36 25.07 19.76
CA LYS A 80 -28.01 23.66 19.64
C LYS A 80 -26.81 23.49 18.72
N LEU A 81 -26.74 24.29 17.66
CA LEU A 81 -25.56 24.30 16.80
C LEU A 81 -24.32 24.77 17.55
N ALA A 82 -24.45 25.86 18.31
CA ALA A 82 -23.36 26.33 19.14
C ALA A 82 -22.87 25.24 20.08
N GLN A 83 -23.81 24.54 20.72
CA GLN A 83 -23.45 23.47 21.65
C GLN A 83 -22.72 22.35 20.93
N ALA A 84 -23.25 21.92 19.78
CA ALA A 84 -22.62 20.85 19.00
C ALA A 84 -21.19 21.18 18.56
N ALA A 85 -20.97 22.41 18.08
CA ALA A 85 -19.62 22.84 17.70
C ALA A 85 -18.67 22.76 18.88
N GLN A 86 -19.06 23.32 20.01
CA GLN A 86 -18.17 23.37 21.17
C GLN A 86 -17.81 21.96 21.62
N SER A 87 -18.81 21.07 21.72
CA SER A 87 -18.54 19.70 22.13
C SER A 87 -17.50 19.04 21.24
N SER A 88 -17.63 19.17 19.92
CA SER A 88 -16.69 18.47 19.03
C SER A 88 -15.27 18.97 19.25
N VAL A 89 -15.10 20.27 19.46
CA VAL A 89 -13.76 20.81 19.64
C VAL A 89 -13.13 20.29 20.92
N ALA A 90 -13.93 20.18 21.99
CA ALA A 90 -13.42 19.58 23.22
C ALA A 90 -12.92 18.16 22.99
N THR A 91 -13.68 17.36 22.22
CA THR A 91 -13.32 15.98 21.99
C THR A 91 -12.05 15.84 21.15
N ILE A 92 -11.91 16.64 20.08
CA ILE A 92 -10.74 16.51 19.23
C ILE A 92 -9.50 16.97 19.99
N THR A 93 -9.65 17.92 20.91
CA THR A 93 -8.53 18.34 21.75
C THR A 93 -8.03 17.15 22.54
N ARG A 94 -8.97 16.42 23.16
CA ARG A 94 -8.66 15.25 23.96
C ARG A 94 -8.11 14.12 23.09
N LEU A 95 -8.71 13.88 21.92
CA LEU A 95 -8.23 12.82 21.02
C LEU A 95 -6.79 13.08 20.58
N ALA A 96 -6.52 14.31 20.12
CA ALA A 96 -5.16 14.74 19.82
C ALA A 96 -4.21 14.44 20.97
N ASP A 97 -4.60 14.78 22.19
CA ASP A 97 -3.67 14.66 23.31
C ASP A 97 -3.37 13.20 23.62
N VAL A 98 -4.38 12.32 23.58
CA VAL A 98 -4.12 10.91 23.86
C VAL A 98 -3.34 10.24 22.72
N VAL A 99 -3.59 10.62 21.47
CA VAL A 99 -2.77 10.10 20.36
C VAL A 99 -1.31 10.55 20.52
N LYS A 100 -1.08 11.81 20.87
CA LYS A 100 0.29 12.26 21.13
C LYS A 100 0.95 11.35 22.16
N LEU A 101 0.23 11.03 23.24
CA LEU A 101 0.81 10.17 24.27
C LEU A 101 1.06 8.77 23.71
N GLY A 102 0.16 8.25 22.87
CA GLY A 102 0.41 6.96 22.29
C GLY A 102 1.62 6.94 21.37
N ALA A 103 1.77 7.98 20.54
CA ALA A 103 2.94 8.04 19.65
C ALA A 103 4.22 8.13 20.45
N ALA A 104 4.25 9.00 21.47
CA ALA A 104 5.41 9.12 22.33
C ALA A 104 5.76 7.80 23.01
N SER A 105 4.74 7.02 23.40
CA SER A 105 4.96 5.70 24.00
C SER A 105 5.64 4.69 23.06
N LEU A 106 5.71 4.98 21.75
CA LEU A 106 6.46 4.09 20.88
C LEU A 106 7.97 4.21 21.04
N GLY A 107 8.47 5.30 21.61
CA GLY A 107 9.89 5.51 21.83
C GLY A 107 10.57 6.26 20.70
N ALA A 108 11.57 7.06 21.09
CA ALA A 108 12.35 7.89 20.18
C ALA A 108 13.16 7.13 19.13
N GLU A 109 13.28 5.80 19.22
CA GLU A 109 14.06 5.06 18.24
C GLU A 109 13.25 4.63 17.03
N ASP A 110 11.97 4.93 17.01
CA ASP A 110 11.05 4.60 15.93
C ASP A 110 10.36 5.85 15.41
N PRO A 111 11.09 6.89 15.03
CA PRO A 111 10.44 8.19 14.76
C PRO A 111 9.53 8.16 13.55
N GLU A 112 9.80 7.30 12.58
CA GLU A 112 9.00 7.25 11.36
C GLU A 112 7.56 6.87 11.69
N THR A 113 7.39 5.90 12.58
CA THR A 113 6.05 5.46 12.96
C THR A 113 5.35 6.49 13.84
N GLN A 114 6.11 7.16 14.71
CA GLN A 114 5.55 8.23 15.54
C GLN A 114 4.89 9.30 14.67
N VAL A 115 5.56 9.71 13.60
CA VAL A 115 5.03 10.76 12.73
C VAL A 115 3.81 10.26 11.96
N VAL A 116 3.83 9.01 11.52
CA VAL A 116 2.66 8.43 10.85
C VAL A 116 1.44 8.53 11.75
N LEU A 117 1.59 8.18 13.03
CA LEU A 117 0.48 8.18 13.98
C LEU A 117 -0.07 9.60 14.19
N ILE A 118 0.81 10.57 14.42
CA ILE A 118 0.37 11.94 14.64
C ILE A 118 -0.32 12.49 13.42
N ASN A 119 0.19 12.19 12.23
CA ASN A 119 -0.47 12.66 11.02
C ASN A 119 -1.88 12.09 10.90
N ALA A 120 -2.07 10.83 11.31
CA ALA A 120 -3.40 10.23 11.24
C ALA A 120 -4.42 11.04 12.04
N VAL A 121 -4.03 11.55 13.21
CA VAL A 121 -4.99 12.31 14.00
C VAL A 121 -5.11 13.73 13.45
N LYS A 122 -4.01 14.28 12.93
CA LYS A 122 -4.03 15.54 12.20
C LYS A 122 -5.05 15.53 11.07
N ASP A 123 -5.04 14.47 10.28
CA ASP A 123 -6.08 14.28 9.27
C ASP A 123 -7.49 14.35 9.84
N VAL A 124 -7.74 13.74 11.00
CA VAL A 124 -9.04 13.90 11.65
C VAL A 124 -9.31 15.38 11.98
N ALA A 125 -8.36 16.05 12.62
CA ALA A 125 -8.49 17.48 12.91
C ALA A 125 -8.88 18.27 11.66
N LYS A 126 -8.16 18.06 10.56
CA LYS A 126 -8.51 18.77 9.33
C LYS A 126 -9.96 18.47 8.92
N ALA A 127 -10.34 17.19 8.94
CA ALA A 127 -11.69 16.83 8.59
C ALA A 127 -12.73 17.46 9.51
N LEU A 128 -12.41 17.63 10.80
CA LEU A 128 -13.34 18.34 11.67
C LEU A 128 -13.48 19.80 11.28
N GLY A 129 -12.37 20.47 10.99
CA GLY A 129 -12.43 21.85 10.50
C GLY A 129 -13.38 21.99 9.32
N ASP A 130 -13.24 21.10 8.33
CA ASP A 130 -14.13 21.11 7.19
C ASP A 130 -15.57 20.84 7.61
N LEU A 131 -15.78 19.89 8.53
CA LEU A 131 -17.12 19.60 9.01
C LEU A 131 -17.75 20.82 9.67
N ILE A 132 -17.01 21.51 10.55
CA ILE A 132 -17.59 22.68 11.19
C ILE A 132 -17.86 23.78 10.17
N SER A 133 -16.97 23.93 9.19
CA SER A 133 -17.22 24.85 8.09
C SER A 133 -18.49 24.51 7.33
N ALA A 134 -18.71 23.22 7.05
CA ALA A 134 -19.92 22.82 6.34
C ALA A 134 -21.19 23.03 7.15
N THR A 135 -21.16 22.81 8.48
CA THR A 135 -22.38 23.07 9.25
C THR A 135 -22.72 24.55 9.25
N LYS A 136 -21.71 25.41 9.40
CA LYS A 136 -21.91 26.85 9.27
C LYS A 136 -22.59 27.22 7.95
N ALA A 137 -22.02 26.78 6.83
CA ALA A 137 -22.65 27.08 5.53
C ALA A 137 -24.08 26.55 5.47
N ALA A 138 -24.36 25.45 6.14
CA ALA A 138 -25.68 24.82 6.19
C ALA A 138 -26.51 25.25 7.38
N ALA A 139 -25.99 26.14 8.24
CA ALA A 139 -26.69 26.56 9.45
C ALA A 139 -28.13 26.97 9.15
N GLY A 140 -29.04 26.12 9.59
CA GLY A 140 -30.49 26.26 9.48
C GLY A 140 -30.97 26.26 8.04
N LYS A 141 -30.35 25.45 7.19
CA LYS A 141 -30.84 25.22 5.84
C LYS A 141 -31.54 23.85 5.80
N VAL A 142 -32.46 23.68 4.86
CA VAL A 142 -33.31 22.51 4.78
C VAL A 142 -32.87 21.61 3.62
N GLY A 143 -33.00 20.30 3.84
CA GLY A 143 -32.67 19.20 2.94
C GLY A 143 -32.21 19.41 1.51
N ASP A 144 -33.00 20.06 0.67
CA ASP A 144 -32.61 20.20 -0.74
C ASP A 144 -31.30 20.96 -0.90
N ASP A 145 -31.08 21.96 -0.04
CA ASP A 145 -29.95 22.87 -0.17
C ASP A 145 -28.64 22.11 -0.39
N PRO A 146 -27.87 22.47 -1.41
CA PRO A 146 -26.51 21.90 -1.58
C PRO A 146 -25.65 21.97 -0.33
N ALA A 147 -25.80 23.00 0.51
CA ALA A 147 -25.10 23.02 1.80
C ALA A 147 -25.49 21.84 2.67
N VAL A 148 -26.74 21.37 2.58
CA VAL A 148 -27.12 20.17 3.32
C VAL A 148 -26.45 18.95 2.71
N TRP A 149 -26.40 18.88 1.38
CA TRP A 149 -25.63 17.86 0.68
C TRP A 149 -24.17 17.90 1.13
N GLN A 150 -23.59 19.09 1.11
CA GLN A 150 -22.19 19.30 1.48
C GLN A 150 -21.92 18.95 2.93
N LEU A 151 -22.87 19.24 3.82
CA LEU A 151 -22.71 18.83 5.21
C LEU A 151 -22.60 17.31 5.35
N LYS A 152 -23.51 16.57 4.71
CA LYS A 152 -23.41 15.11 4.77
C LYS A 152 -22.10 14.61 4.18
N ASN A 153 -21.72 15.14 3.02
CA ASN A 153 -20.45 14.79 2.41
C ASN A 153 -19.27 15.13 3.30
N SER A 154 -19.32 16.27 3.98
CA SER A 154 -18.21 16.66 4.85
C SER A 154 -18.10 15.68 6.01
N ALA A 155 -19.25 15.21 6.50
CA ALA A 155 -19.29 14.31 7.64
C ALA A 155 -18.72 12.94 7.28
N LYS A 156 -18.95 12.46 6.05
CA LYS A 156 -18.33 11.20 5.67
C LYS A 156 -16.82 11.35 5.57
N VAL A 157 -16.34 12.46 5.00
CA VAL A 157 -14.91 12.70 4.91
C VAL A 157 -14.32 12.85 6.32
N MET A 158 -15.18 13.04 7.31
CA MET A 158 -14.73 13.04 8.70
C MET A 158 -14.62 11.62 9.23
N VAL A 159 -15.69 10.83 9.11
CA VAL A 159 -15.68 9.46 9.61
C VAL A 159 -14.69 8.60 8.84
N THR A 160 -14.49 8.87 7.55
CA THR A 160 -13.44 8.20 6.79
C THR A 160 -12.08 8.39 7.47
N ASN A 161 -11.79 9.63 7.87
CA ASN A 161 -10.55 9.92 8.58
C ASN A 161 -10.49 9.21 9.92
N VAL A 162 -11.60 9.22 10.67
CA VAL A 162 -11.64 8.53 11.95
C VAL A 162 -11.30 7.05 11.75
N THR A 163 -11.91 6.38 10.76
CA THR A 163 -11.58 4.97 10.59
C THR A 163 -10.16 4.80 10.11
N SER A 164 -9.63 5.76 9.34
CA SER A 164 -8.23 5.70 8.96
C SER A 164 -7.34 5.81 10.18
N LEU A 165 -7.67 6.69 11.12
CA LEU A 165 -6.95 6.71 12.39
C LEU A 165 -6.97 5.34 13.05
N LEU A 166 -8.16 4.72 13.13
CA LEU A 166 -8.28 3.45 13.83
C LEU A 166 -7.50 2.35 13.12
N LYS A 167 -7.48 2.40 11.79
CA LYS A 167 -6.71 1.44 11.01
C LYS A 167 -5.20 1.61 11.24
N THR A 168 -4.70 2.84 11.18
CA THR A 168 -3.33 3.12 11.57
C THR A 168 -2.99 2.59 12.96
N VAL A 169 -3.87 2.83 13.95
CA VAL A 169 -3.57 2.35 15.30
C VAL A 169 -3.43 0.82 15.32
N LYS A 170 -4.35 0.12 14.66
CA LYS A 170 -4.24 -1.33 14.55
C LYS A 170 -2.95 -1.79 13.87
N ALA A 171 -2.56 -1.12 12.78
CA ALA A 171 -1.33 -1.49 12.08
C ALA A 171 -0.08 -1.23 12.93
N VAL A 172 -0.03 -0.07 13.58
CA VAL A 172 1.04 0.29 14.50
C VAL A 172 1.23 -0.77 15.59
N GLU A 173 0.16 -1.08 16.33
CA GLU A 173 0.28 -2.04 17.43
C GLU A 173 0.74 -3.42 16.97
N ASP A 174 0.31 -3.89 15.80
CA ASP A 174 0.78 -5.19 15.34
C ASP A 174 2.28 -5.19 15.08
N GLU A 175 2.77 -4.16 14.38
CA GLU A 175 4.21 -3.98 14.17
C GLU A 175 4.98 -3.76 15.46
N ALA A 176 4.37 -3.10 16.46
CA ALA A 176 5.08 -2.88 17.71
C ALA A 176 5.23 -4.15 18.55
N THR A 177 4.53 -5.23 18.23
CA THR A 177 4.55 -6.42 19.06
C THR A 177 4.85 -7.67 18.25
N LYS A 178 5.22 -7.53 16.97
CA LYS A 178 5.48 -8.71 16.14
C LYS A 178 6.62 -9.54 16.71
N GLY A 179 7.70 -8.90 17.14
CA GLY A 179 8.78 -9.64 17.77
C GLY A 179 8.41 -10.14 19.16
N THR A 180 7.77 -9.27 19.95
CA THR A 180 7.30 -9.69 21.28
C THR A 180 6.43 -10.93 21.18
N ARG A 181 5.54 -10.98 20.18
CA ARG A 181 4.57 -12.07 20.11
C ARG A 181 5.22 -13.33 19.57
N ALA A 182 6.26 -13.18 18.74
CA ALA A 182 7.07 -14.31 18.30
C ALA A 182 7.85 -14.93 19.45
N LEU A 183 8.47 -14.11 20.30
CA LEU A 183 9.23 -14.61 21.44
C LEU A 183 8.34 -15.36 22.40
N GLU A 184 7.12 -14.87 22.63
CA GLU A 184 6.16 -15.59 23.46
C GLU A 184 5.81 -16.95 22.86
N ALA A 185 5.58 -17.00 21.54
CA ALA A 185 5.34 -18.29 20.90
C ALA A 185 6.51 -19.25 21.14
N THR A 186 7.73 -18.73 21.15
CA THR A 186 8.88 -19.59 21.38
C THR A 186 8.90 -20.14 22.80
N THR A 187 8.56 -19.31 23.79
CA THR A 187 8.54 -19.77 25.18
C THR A 187 7.50 -20.85 25.41
N GLU A 188 6.37 -20.80 24.70
CA GLU A 188 5.39 -21.87 24.86
C GLU A 188 5.88 -23.16 24.21
N HIS A 189 6.47 -23.06 23.03
CA HIS A 189 7.05 -24.23 22.39
C HIS A 189 8.11 -24.88 23.29
N ILE A 190 9.00 -24.06 23.87
CA ILE A 190 9.99 -24.60 24.80
C ILE A 190 9.33 -25.30 25.97
N ARG A 191 8.31 -24.70 26.56
CA ARG A 191 7.57 -25.36 27.64
C ARG A 191 6.96 -26.70 27.20
N GLN A 192 6.31 -26.72 26.04
CA GLN A 192 5.80 -28.00 25.53
C GLN A 192 6.94 -28.99 25.36
N GLU A 193 8.07 -28.53 24.80
CA GLU A 193 9.23 -29.41 24.64
C GLU A 193 9.72 -29.92 25.99
N LEU A 194 9.75 -29.04 27.00
CA LEU A 194 10.31 -29.41 28.30
C LEU A 194 9.36 -30.34 29.05
N ALA A 195 8.06 -30.08 28.96
CA ALA A 195 7.08 -31.04 29.47
C ALA A 195 7.28 -32.42 28.85
N VAL A 196 7.51 -32.46 27.53
CA VAL A 196 7.80 -33.73 26.84
C VAL A 196 9.13 -34.31 27.34
N PHE A 197 10.17 -33.47 27.38
CA PHE A 197 11.46 -33.90 27.92
C PHE A 197 11.32 -34.55 29.28
N CYS A 198 10.54 -33.95 30.17
CA CYS A 198 10.41 -34.41 31.53
C CYS A 198 9.42 -35.56 31.67
N SER A 199 8.63 -35.85 30.64
CA SER A 199 7.62 -36.91 30.71
C SER A 199 8.29 -38.27 30.90
N PRO A 200 7.56 -39.24 31.47
CA PRO A 200 8.17 -40.57 31.68
C PRO A 200 8.34 -41.38 30.42
N GLU A 201 7.86 -40.92 29.27
CA GLU A 201 8.05 -41.69 28.06
C GLU A 201 9.49 -41.59 27.58
N PRO A 202 10.00 -42.66 26.98
CA PRO A 202 11.41 -42.68 26.58
C PRO A 202 11.64 -41.80 25.36
N PRO A 203 12.90 -41.48 25.04
CA PRO A 203 13.17 -40.72 23.81
C PRO A 203 13.01 -41.61 22.59
N ALA A 204 13.01 -40.97 21.43
CA ALA A 204 12.80 -41.71 20.18
C ALA A 204 13.91 -42.72 19.92
N LYS A 205 15.12 -42.46 20.42
CA LYS A 205 16.24 -43.36 20.19
C LYS A 205 17.28 -43.08 21.28
N THR A 206 18.38 -43.83 21.24
CA THR A 206 19.50 -43.48 22.08
C THR A 206 20.48 -42.70 21.20
N SER A 207 21.43 -42.02 21.82
CA SER A 207 22.52 -41.46 21.06
C SER A 207 23.80 -41.45 21.87
N THR A 208 24.82 -40.93 21.26
CA THR A 208 26.20 -40.87 21.69
C THR A 208 26.41 -39.55 22.43
N PRO A 209 27.40 -39.48 23.32
CA PRO A 209 27.77 -38.18 23.90
C PRO A 209 28.08 -37.10 22.88
N GLU A 210 28.63 -37.44 21.71
CA GLU A 210 28.99 -36.42 20.74
C GLU A 210 27.77 -35.73 20.13
N ASP A 211 26.70 -36.47 19.86
CA ASP A 211 25.49 -35.82 19.38
C ASP A 211 24.93 -34.87 20.45
N PHE A 212 24.86 -35.35 21.69
CA PHE A 212 24.41 -34.53 22.80
C PHE A 212 25.28 -33.28 22.98
N ILE A 213 26.61 -33.46 22.96
CA ILE A 213 27.55 -32.34 23.09
C ILE A 213 27.35 -31.29 22.01
N ARG A 214 27.20 -31.69 20.75
CA ARG A 214 27.07 -30.67 19.70
C ARG A 214 25.83 -29.82 19.87
N MET A 215 24.77 -30.34 20.50
CA MET A 215 23.59 -29.52 20.78
C MET A 215 23.84 -28.55 21.93
N THR A 216 24.53 -29.01 22.98
CA THR A 216 24.85 -28.16 24.12
C THR A 216 25.58 -26.90 23.68
N LYS A 217 26.53 -27.02 22.76
CA LYS A 217 27.25 -25.83 22.31
C LYS A 217 26.32 -24.83 21.62
N GLY A 218 25.22 -25.31 21.04
CA GLY A 218 24.24 -24.41 20.46
C GLY A 218 23.65 -23.40 21.44
N ILE A 219 23.52 -23.80 22.70
CA ILE A 219 23.02 -22.91 23.75
C ILE A 219 23.89 -21.66 23.87
N THR A 220 25.21 -21.82 23.80
CA THR A 220 26.13 -20.69 23.83
C THR A 220 25.76 -19.60 22.82
N MET A 221 25.61 -19.97 21.56
CA MET A 221 25.33 -18.96 20.53
C MET A 221 23.98 -18.32 20.74
N ALA A 222 23.01 -19.07 21.27
CA ALA A 222 21.66 -18.55 21.43
C ALA A 222 21.55 -17.61 22.62
N THR A 223 22.17 -17.96 23.75
CA THR A 223 22.19 -17.06 24.90
C THR A 223 22.78 -15.71 24.54
N ALA A 224 23.96 -15.70 23.94
CA ALA A 224 24.58 -14.46 23.47
C ALA A 224 23.65 -13.66 22.55
N LYS A 225 23.05 -14.34 21.59
CA LYS A 225 22.09 -13.70 20.68
C LYS A 225 20.92 -13.08 21.43
N ALA A 226 20.31 -13.82 22.36
CA ALA A 226 19.23 -13.28 23.18
C ALA A 226 19.68 -12.04 23.94
N VAL A 227 20.84 -12.10 24.59
CA VAL A 227 21.37 -10.93 25.28
C VAL A 227 21.51 -9.78 24.30
N ALA A 228 21.94 -10.07 23.06
CA ALA A 228 22.08 -8.99 22.08
C ALA A 228 20.73 -8.37 21.76
N ALA A 229 19.69 -9.19 21.63
CA ALA A 229 18.37 -8.64 21.28
C ALA A 229 17.83 -7.78 22.42
N GLY A 230 18.04 -8.21 23.67
CA GLY A 230 17.60 -7.43 24.80
C GLY A 230 18.30 -6.09 24.92
N ASN A 231 19.58 -6.03 24.53
CA ASN A 231 20.30 -4.77 24.54
C ASN A 231 19.94 -3.87 23.36
N SER A 232 19.70 -4.45 22.19
CA SER A 232 19.37 -3.64 21.01
C SER A 232 17.89 -3.25 20.99
N CYS A 233 17.05 -4.14 21.51
CA CYS A 233 15.59 -4.02 21.47
C CYS A 233 15.03 -3.92 20.05
N ARG A 234 15.79 -4.40 19.07
CA ARG A 234 15.37 -4.41 17.67
C ARG A 234 14.47 -5.60 17.39
N GLN A 235 13.25 -5.32 16.94
CA GLN A 235 12.27 -6.37 16.78
C GLN A 235 12.81 -7.46 15.86
N GLU A 236 13.66 -7.09 14.90
CA GLU A 236 14.28 -8.09 14.03
C GLU A 236 15.25 -9.00 14.81
N ASP A 237 16.04 -8.45 15.73
CA ASP A 237 16.82 -9.30 16.64
C ASP A 237 15.94 -10.12 17.55
N VAL A 238 14.80 -9.57 17.98
CA VAL A 238 13.88 -10.35 18.80
C VAL A 238 13.30 -11.50 17.99
N ILE A 239 12.94 -11.26 16.74
CA ILE A 239 12.49 -12.34 15.87
C ILE A 239 13.57 -13.42 15.73
N ALA A 240 14.81 -13.00 15.43
CA ALA A 240 15.88 -13.98 15.24
C ALA A 240 16.19 -14.77 16.50
N THR A 241 16.20 -14.09 17.65
CA THR A 241 16.33 -14.78 18.94
C THR A 241 15.23 -15.81 19.16
N ALA A 242 13.97 -15.41 18.95
CA ALA A 242 12.86 -16.36 19.05
C ALA A 242 13.13 -17.62 18.23
N ASN A 243 13.47 -17.46 16.96
CA ASN A 243 13.69 -18.64 16.11
C ASN A 243 14.87 -19.47 16.59
N LEU A 244 16.00 -18.81 16.85
CA LEU A 244 17.20 -19.51 17.30
C LEU A 244 16.97 -20.18 18.65
N SER A 245 16.40 -19.46 19.62
CA SER A 245 16.14 -20.03 20.94
C SER A 245 15.25 -21.26 20.86
N ARG A 246 14.20 -21.21 20.05
CA ARG A 246 13.30 -22.36 19.97
C ARG A 246 14.05 -23.59 19.50
N ARG A 247 14.82 -23.46 18.41
CA ARG A 247 15.54 -24.61 17.87
C ARG A 247 16.61 -25.09 18.85
N ALA A 248 17.41 -24.16 19.38
CA ALA A 248 18.54 -24.55 20.22
C ALA A 248 18.09 -25.30 21.47
N ILE A 249 17.07 -24.80 22.16
CA ILE A 249 16.62 -25.47 23.37
C ILE A 249 15.93 -26.79 23.04
N ALA A 250 15.05 -26.78 22.02
CA ALA A 250 14.40 -28.01 21.58
C ALA A 250 15.42 -29.09 21.25
N ASP A 251 16.46 -28.72 20.49
CA ASP A 251 17.47 -29.69 20.08
C ASP A 251 18.24 -30.22 21.27
N MET A 252 18.66 -29.33 22.18
CA MET A 252 19.42 -29.77 23.34
C MET A 252 18.62 -30.72 24.20
N LEU A 253 17.31 -30.49 24.33
CA LEU A 253 16.47 -31.37 25.14
C LEU A 253 16.31 -32.74 24.50
N ARG A 254 16.10 -32.78 23.18
CA ARG A 254 16.01 -34.06 22.46
C ARG A 254 17.27 -34.90 22.64
N ALA A 255 18.44 -34.33 22.35
CA ALA A 255 19.69 -35.09 22.40
C ALA A 255 20.05 -35.50 23.82
N CYS A 256 19.83 -34.61 24.79
CA CYS A 256 20.05 -34.92 26.20
C CYS A 256 19.33 -36.19 26.61
N LYS A 257 18.02 -36.25 26.38
CA LYS A 257 17.26 -37.41 26.83
C LYS A 257 17.68 -38.66 26.06
N GLU A 258 17.95 -38.51 24.77
CA GLU A 258 18.37 -39.66 23.96
C GLU A 258 19.71 -40.20 24.42
N ALA A 259 20.67 -39.31 24.70
CA ALA A 259 21.96 -39.71 25.26
C ALA A 259 21.84 -40.32 26.64
N ALA A 260 21.02 -39.73 27.51
CA ALA A 260 20.88 -40.20 28.88
C ALA A 260 20.28 -41.60 28.95
N PHE A 261 19.32 -41.90 28.07
CA PHE A 261 18.67 -43.20 28.06
C PHE A 261 19.49 -44.29 27.36
N HIS A 262 20.67 -43.96 26.85
CA HIS A 262 21.51 -44.96 26.23
C HIS A 262 21.90 -46.03 27.27
N PRO A 263 21.68 -47.34 26.95
CA PRO A 263 22.02 -48.44 27.87
C PRO A 263 23.36 -48.41 28.60
N GLU A 264 24.38 -47.86 27.95
CA GLU A 264 25.74 -47.74 28.47
C GLU A 264 25.90 -46.61 29.49
N VAL A 265 24.83 -45.89 29.81
CA VAL A 265 24.90 -44.78 30.76
C VAL A 265 24.45 -45.30 32.12
N ALA A 266 25.26 -45.02 33.14
CA ALA A 266 24.93 -45.44 34.50
C ALA A 266 23.75 -44.65 35.01
N PRO A 267 22.93 -45.24 35.89
CA PRO A 267 21.72 -44.53 36.34
C PRO A 267 21.99 -43.18 36.97
N ASP A 268 23.12 -42.99 37.66
CA ASP A 268 23.39 -41.68 38.24
C ASP A 268 23.76 -40.67 37.18
N VAL A 269 24.47 -41.10 36.13
CA VAL A 269 24.85 -40.18 35.06
C VAL A 269 23.64 -39.79 34.22
N ARG A 270 22.78 -40.76 33.88
CA ARG A 270 21.49 -40.43 33.28
C ARG A 270 20.69 -39.45 34.13
N LEU A 271 20.55 -39.76 35.42
CA LEU A 271 19.85 -38.90 36.36
C LEU A 271 20.43 -37.48 36.34
N ARG A 272 21.75 -37.38 36.43
CA ARG A 272 22.44 -36.10 36.45
C ARG A 272 22.19 -35.31 35.16
N ALA A 273 22.37 -35.98 34.02
CA ALA A 273 22.14 -35.37 32.71
C ALA A 273 20.72 -34.82 32.58
N LEU A 274 19.71 -35.63 32.91
CA LEU A 274 18.32 -35.17 32.85
C LEU A 274 18.10 -33.96 33.74
N HIS A 275 18.61 -33.98 34.97
CA HIS A 275 18.47 -32.86 35.89
C HIS A 275 19.01 -31.57 35.29
N TYR A 276 20.23 -31.57 34.78
CA TYR A 276 20.79 -30.31 34.30
C TYR A 276 20.24 -29.92 32.94
N GLY A 277 19.70 -30.87 32.17
CA GLY A 277 18.94 -30.49 30.99
C GLY A 277 17.73 -29.65 31.34
N ARG A 278 16.97 -30.09 32.34
CA ARG A 278 15.85 -29.30 32.84
C ARG A 278 16.30 -27.97 33.40
N GLU A 279 17.30 -27.99 34.27
CA GLU A 279 17.86 -26.77 34.83
C GLU A 279 18.25 -25.77 33.75
N CYS A 280 18.95 -26.23 32.72
CA CYS A 280 19.36 -25.32 31.66
C CYS A 280 18.17 -24.66 30.96
N ALA A 281 17.22 -25.46 30.47
CA ALA A 281 16.00 -24.90 29.90
C ALA A 281 15.29 -23.93 30.84
N ASN A 282 15.18 -24.24 32.13
CA ASN A 282 14.43 -23.35 33.01
C ASN A 282 15.15 -22.03 33.22
N GLY A 283 16.45 -22.07 33.46
CA GLY A 283 17.25 -20.86 33.52
C GLY A 283 17.12 -20.02 32.27
N TYR A 284 17.05 -20.68 31.12
CA TYR A 284 16.92 -20.02 29.83
C TYR A 284 15.55 -19.37 29.67
N LEU A 285 14.48 -20.03 30.12
CA LEU A 285 13.16 -19.43 30.03
C LEU A 285 13.11 -18.15 30.86
N GLU A 286 13.78 -18.14 32.01
CA GLU A 286 13.84 -16.94 32.83
C GLU A 286 14.62 -15.83 32.14
N LEU A 287 15.65 -16.18 31.38
CA LEU A 287 16.36 -15.19 30.57
C LEU A 287 15.45 -14.56 29.52
N LEU A 288 14.76 -15.39 28.72
CA LEU A 288 13.78 -14.85 27.77
C LEU A 288 12.69 -14.01 28.45
N ASP A 289 12.23 -14.43 29.63
CA ASP A 289 11.21 -13.65 30.32
C ASP A 289 11.74 -12.28 30.74
N HIS A 290 13.02 -12.21 31.11
CA HIS A 290 13.65 -10.92 31.37
C HIS A 290 13.78 -10.10 30.10
N VAL A 291 14.05 -10.75 28.96
CA VAL A 291 14.08 -10.02 27.70
C VAL A 291 12.73 -9.35 27.42
N LEU A 292 11.62 -10.06 27.63
CA LEU A 292 10.30 -9.49 27.41
C LEU A 292 10.02 -8.29 28.33
N LEU A 293 10.44 -8.38 29.59
CA LEU A 293 10.38 -7.22 30.48
C LEU A 293 11.21 -6.06 29.96
N THR A 294 12.42 -6.33 29.50
CA THR A 294 13.23 -5.26 28.94
C THR A 294 12.54 -4.60 27.75
N LEU A 295 11.94 -5.40 26.86
CA LEU A 295 11.25 -4.81 25.72
C LEU A 295 10.13 -3.86 26.13
N GLN A 296 9.48 -4.11 27.29
CA GLN A 296 8.39 -3.24 27.73
C GLN A 296 8.85 -1.99 28.48
N LYS A 297 10.02 -2.01 29.09
CA LYS A 297 10.59 -0.81 29.72
C LYS A 297 12.11 -0.85 29.55
N PRO A 298 12.58 -0.53 28.36
CA PRO A 298 13.99 -0.72 27.99
C PRO A 298 14.96 0.25 28.63
N ASN A 299 15.09 0.23 29.96
CA ASN A 299 16.06 1.06 30.64
C ASN A 299 17.37 0.31 30.91
N PRO A 300 18.43 1.05 31.28
CA PRO A 300 19.73 0.42 31.62
C PRO A 300 19.69 -0.63 32.72
N ASP A 301 18.80 -0.46 33.68
CA ASP A 301 18.69 -1.37 34.81
C ASP A 301 18.39 -2.80 34.38
N LEU A 302 17.22 -3.02 33.79
CA LEU A 302 16.88 -4.33 33.23
C LEU A 302 17.97 -4.93 32.35
N LYS A 303 18.62 -4.12 31.51
CA LYS A 303 19.63 -4.68 30.61
C LYS A 303 20.85 -5.22 31.35
N GLN A 304 21.38 -4.47 32.33
CA GLN A 304 22.43 -5.02 33.19
C GLN A 304 22.04 -6.38 33.79
N GLN A 305 20.79 -6.53 34.20
CA GLN A 305 20.34 -7.79 34.80
C GLN A 305 20.40 -8.97 33.82
N LEU A 306 20.51 -8.68 32.51
CA LEU A 306 20.68 -9.76 31.53
C LEU A 306 21.96 -10.54 31.80
N THR A 307 23.01 -9.87 32.26
CA THR A 307 24.25 -10.54 32.60
C THR A 307 24.02 -11.66 33.60
N GLY A 308 23.23 -11.41 34.64
CA GLY A 308 23.03 -12.44 35.65
C GLY A 308 22.33 -13.67 35.06
N HIS A 309 21.33 -13.44 34.22
CA HIS A 309 20.60 -14.54 33.57
C HIS A 309 21.51 -15.34 32.65
N SER A 310 22.39 -14.67 31.91
CA SER A 310 23.32 -15.38 31.04
C SER A 310 24.24 -16.28 31.85
N LYS A 311 24.71 -15.78 32.99
CA LYS A 311 25.54 -16.59 33.88
C LYS A 311 24.80 -17.82 34.37
N ARG A 312 23.51 -17.69 34.70
CA ARG A 312 22.77 -18.85 35.15
C ARG A 312 22.68 -19.94 34.09
N VAL A 313 22.43 -19.55 32.83
CA VAL A 313 22.47 -20.53 31.74
C VAL A 313 23.85 -21.15 31.61
N ALA A 314 24.89 -20.31 31.56
CA ALA A 314 26.27 -20.81 31.46
C ALA A 314 26.63 -21.80 32.56
N GLY A 315 26.25 -21.51 33.80
CA GLY A 315 26.44 -22.47 34.88
C GLY A 315 25.86 -23.85 34.64
N SER A 316 24.64 -23.93 34.11
CA SER A 316 24.09 -25.22 33.72
C SER A 316 24.84 -25.84 32.55
N VAL A 317 25.23 -25.03 31.56
CA VAL A 317 26.00 -25.54 30.42
C VAL A 317 27.27 -26.27 30.87
N THR A 318 28.02 -25.67 31.80
CA THR A 318 29.19 -26.36 32.34
C THR A 318 28.82 -27.72 32.90
N GLU A 319 27.77 -27.75 33.73
CA GLU A 319 27.29 -29.03 34.23
C GLU A 319 26.90 -29.96 33.09
N LEU A 320 26.23 -29.44 32.07
CA LEU A 320 25.79 -30.29 30.97
C LEU A 320 26.97 -30.91 30.24
N ILE A 321 28.01 -30.12 29.99
CA ILE A 321 29.18 -30.62 29.27
C ILE A 321 29.91 -31.68 30.09
N GLN A 322 30.08 -31.45 31.39
CA GLN A 322 30.73 -32.46 32.21
C GLN A 322 29.89 -33.73 32.33
N ALA A 323 28.56 -33.61 32.33
CA ALA A 323 27.71 -34.79 32.36
C ALA A 323 27.86 -35.61 31.08
N ALA A 324 27.91 -34.93 29.92
CA ALA A 324 28.12 -35.61 28.65
C ALA A 324 29.44 -36.38 28.62
N GLU A 325 30.54 -35.71 29.00
CA GLU A 325 31.83 -36.38 29.04
C GLU A 325 31.78 -37.64 29.90
N ALA A 326 31.12 -37.55 31.05
CA ALA A 326 30.98 -38.71 31.93
C ALA A 326 30.09 -39.80 31.35
N MET A 327 29.68 -39.78 30.08
CA MET A 327 28.95 -40.87 29.45
C MET A 327 29.87 -41.77 28.63
N LYS A 328 31.12 -41.96 29.07
CA LYS A 328 32.10 -42.76 28.35
C LYS A 328 33.38 -42.95 29.16
N PRO B 8 41.41 -24.15 -15.12
CA PRO B 8 40.00 -24.52 -14.98
C PRO B 8 39.30 -24.58 -16.33
N PHE B 9 39.32 -23.47 -17.06
CA PHE B 9 38.75 -23.38 -18.41
C PHE B 9 37.29 -23.83 -18.42
N THR B 10 36.59 -23.50 -17.34
CA THR B 10 35.19 -23.84 -17.17
C THR B 10 34.25 -22.73 -17.61
N GLY B 11 34.79 -21.65 -18.20
CA GLY B 11 33.93 -20.69 -18.86
C GLY B 11 33.19 -21.29 -20.04
N THR B 12 33.90 -22.08 -20.84
CA THR B 12 33.28 -23.03 -21.78
C THR B 12 32.09 -23.75 -21.16
N GLN B 13 32.30 -24.38 -20.01
CA GLN B 13 31.20 -24.99 -19.26
C GLN B 13 30.12 -23.98 -18.85
N ALA B 14 30.50 -22.79 -18.40
CA ALA B 14 29.46 -21.80 -18.12
C ALA B 14 28.60 -21.50 -19.34
N CYS B 15 29.23 -21.33 -20.51
CA CYS B 15 28.48 -21.09 -21.73
C CYS B 15 27.60 -22.29 -22.12
N ILE B 16 28.14 -23.49 -21.95
CA ILE B 16 27.37 -24.70 -22.23
C ILE B 16 26.20 -24.82 -21.26
N THR B 17 26.47 -24.66 -19.96
CA THR B 17 25.40 -24.71 -18.97
C THR B 17 24.37 -23.62 -19.22
N ALA B 18 24.82 -22.40 -19.54
CA ALA B 18 23.87 -21.30 -19.79
C ALA B 18 22.99 -21.60 -20.99
N ALA B 19 23.55 -22.22 -22.02
CA ALA B 19 22.81 -22.56 -23.24
C ALA B 19 21.63 -23.45 -22.94
N SER B 20 21.85 -24.45 -22.08
CA SER B 20 20.81 -25.39 -21.69
C SER B 20 19.67 -24.70 -20.93
N ALA B 21 20.01 -23.81 -19.99
CA ALA B 21 18.98 -23.06 -19.27
C ALA B 21 18.07 -22.27 -20.20
N VAL B 22 18.64 -21.62 -21.20
CA VAL B 22 17.83 -20.80 -22.11
C VAL B 22 16.85 -21.68 -22.88
N SER B 23 17.30 -22.87 -23.30
CA SER B 23 16.37 -23.79 -23.96
C SER B 23 15.26 -24.23 -23.01
N GLY B 24 15.59 -24.40 -21.72
CA GLY B 24 14.55 -24.65 -20.72
C GLY B 24 13.58 -23.48 -20.54
N ILE B 25 14.12 -22.25 -20.48
CA ILE B 25 13.27 -21.07 -20.41
C ILE B 25 12.34 -20.98 -21.61
N ILE B 26 12.86 -21.24 -22.80
CA ILE B 26 12.03 -21.17 -23.99
C ILE B 26 10.92 -22.19 -23.92
N ALA B 27 11.24 -23.41 -23.47
CA ALA B 27 10.21 -24.43 -23.32
C ALA B 27 9.16 -23.97 -22.31
N ASP B 28 9.61 -23.30 -21.24
CA ASP B 28 8.67 -22.85 -20.21
C ASP B 28 7.79 -21.73 -20.76
N LEU B 29 8.35 -20.84 -21.57
CA LEU B 29 7.54 -19.81 -22.22
C LEU B 29 6.56 -20.41 -23.22
N ASP B 30 7.02 -21.39 -24.00
CA ASP B 30 6.14 -22.05 -24.97
C ASP B 30 4.99 -22.79 -24.29
N THR B 31 5.25 -23.37 -23.13
CA THR B 31 4.18 -23.99 -22.35
C THR B 31 3.16 -22.96 -21.90
N THR B 32 3.62 -21.82 -21.36
CA THR B 32 2.70 -20.77 -20.94
C THR B 32 1.86 -20.25 -22.09
N ILE B 33 2.48 -20.03 -23.27
CA ILE B 33 1.72 -19.62 -24.45
C ILE B 33 0.58 -20.58 -24.71
N MET B 34 0.73 -21.83 -24.29
CA MET B 34 -0.32 -22.81 -24.49
C MET B 34 -1.39 -22.71 -23.40
N PHE B 35 -1.00 -22.40 -22.16
CA PHE B 35 -1.99 -22.07 -21.13
C PHE B 35 -2.75 -20.78 -21.48
N ALA B 36 -2.07 -19.79 -22.04
CA ALA B 36 -2.74 -18.56 -22.42
C ALA B 36 -3.73 -18.80 -23.54
N THR B 37 -3.30 -19.47 -24.62
CA THR B 37 -4.18 -19.71 -25.75
C THR B 37 -5.42 -20.48 -25.29
N ALA B 38 -5.25 -21.36 -24.32
CA ALA B 38 -6.35 -22.17 -23.81
C ALA B 38 -7.32 -21.33 -22.99
N GLY B 39 -6.96 -20.09 -22.67
CA GLY B 39 -7.80 -19.26 -21.84
C GLY B 39 -7.68 -19.50 -20.36
N THR B 40 -6.52 -19.97 -19.88
CA THR B 40 -6.39 -20.28 -18.48
C THR B 40 -5.47 -19.30 -17.75
N LEU B 41 -4.85 -18.36 -18.44
CA LEU B 41 -3.83 -17.54 -17.77
C LEU B 41 -4.69 -16.37 -17.31
N ASN B 42 -5.00 -16.32 -16.02
CA ASN B 42 -5.92 -15.30 -15.57
C ASN B 42 -5.30 -14.19 -14.73
N ARG B 43 -6.10 -13.12 -14.60
CA ARG B 43 -5.81 -11.97 -13.77
C ARG B 43 -5.58 -12.37 -12.33
N GLU B 44 -4.61 -11.75 -11.66
CA GLU B 44 -4.37 -12.06 -10.26
C GLU B 44 -4.69 -10.75 -9.54
N GLY B 45 -5.89 -10.67 -8.95
CA GLY B 45 -6.25 -9.48 -8.20
C GLY B 45 -6.87 -8.43 -9.10
N ALA B 46 -7.15 -7.28 -8.48
CA ALA B 46 -7.80 -6.16 -9.14
C ALA B 46 -6.79 -5.33 -9.90
N GLU B 47 -5.50 -5.61 -9.64
CA GLU B 47 -4.36 -4.86 -10.13
C GLU B 47 -4.23 -4.89 -11.65
N THR B 48 -3.89 -3.73 -12.21
CA THR B 48 -3.63 -3.48 -13.62
C THR B 48 -2.24 -3.94 -14.07
N PHE B 49 -2.10 -3.94 -15.40
CA PHE B 49 -0.84 -4.09 -16.13
C PHE B 49 0.23 -3.09 -15.73
N ALA B 50 -0.15 -1.83 -15.51
CA ALA B 50 0.80 -0.79 -15.12
C ALA B 50 1.68 -1.20 -13.93
N ASP B 51 1.12 -1.87 -12.92
CA ASP B 51 1.97 -2.35 -11.84
C ASP B 51 3.12 -3.23 -12.35
N HIS B 52 2.81 -4.15 -13.27
CA HIS B 52 3.80 -5.10 -13.79
C HIS B 52 4.81 -4.48 -14.75
N ARG B 53 4.38 -3.48 -15.54
CA ARG B 53 5.29 -2.76 -16.44
C ARG B 53 6.53 -2.24 -15.72
N GLU B 54 6.40 -1.73 -14.51
CA GLU B 54 7.57 -1.19 -13.82
C GLU B 54 8.61 -2.28 -13.55
N GLY B 55 8.16 -3.46 -13.11
CA GLY B 55 9.07 -4.59 -12.95
C GLY B 55 9.73 -5.02 -14.26
N ILE B 56 8.97 -5.00 -15.36
CA ILE B 56 9.51 -5.34 -16.67
C ILE B 56 10.63 -4.39 -17.07
N LEU B 57 10.43 -3.08 -16.92
CA LEU B 57 11.45 -2.11 -17.32
C LEU B 57 12.75 -2.29 -16.55
N LYS B 58 12.66 -2.49 -15.22
CA LYS B 58 13.85 -2.69 -14.42
C LYS B 58 14.68 -3.87 -14.91
N THR B 59 14.05 -5.04 -15.10
CA THR B 59 14.81 -6.21 -15.47
C THR B 59 15.31 -6.15 -16.91
N ALA B 60 14.56 -5.53 -17.82
CA ALA B 60 15.04 -5.32 -19.19
C ALA B 60 16.32 -4.51 -19.24
N LYS B 61 16.41 -3.44 -18.45
CA LYS B 61 17.62 -2.61 -18.45
C LYS B 61 18.83 -3.39 -17.93
N VAL B 62 18.63 -4.16 -16.86
CA VAL B 62 19.68 -5.04 -16.34
C VAL B 62 20.19 -6.01 -17.41
N LEU B 63 19.28 -6.57 -18.20
CA LEU B 63 19.68 -7.53 -19.23
C LEU B 63 20.54 -6.89 -20.31
N VAL B 64 20.23 -5.66 -20.72
CA VAL B 64 21.09 -4.95 -21.65
C VAL B 64 22.50 -4.76 -21.10
N GLU B 65 22.61 -4.41 -19.81
CA GLU B 65 23.92 -4.38 -19.16
C GLU B 65 24.63 -5.73 -19.17
N ASP B 66 23.96 -6.78 -18.68
CA ASP B 66 24.47 -8.15 -18.82
C ASP B 66 24.89 -8.49 -20.24
N THR B 67 24.18 -8.01 -21.26
CA THR B 67 24.59 -8.29 -22.63
C THR B 67 25.99 -7.71 -22.89
N LYS B 68 26.19 -6.44 -22.53
CA LYS B 68 27.47 -5.77 -22.77
C LYS B 68 28.59 -6.54 -22.06
N VAL B 69 28.37 -6.88 -20.79
CA VAL B 69 29.37 -7.56 -19.97
C VAL B 69 29.78 -8.88 -20.60
N LEU B 70 28.81 -9.63 -21.14
CA LEU B 70 29.11 -10.88 -21.83
C LEU B 70 30.12 -10.64 -22.95
N VAL B 71 29.82 -9.67 -23.83
CA VAL B 71 30.72 -9.38 -24.95
C VAL B 71 32.11 -9.04 -24.45
N GLN B 72 32.19 -8.15 -23.46
CA GLN B 72 33.50 -7.72 -22.96
C GLN B 72 34.31 -8.88 -22.39
N ASN B 73 33.66 -9.85 -21.75
CA ASN B 73 34.38 -10.94 -21.12
C ASN B 73 34.70 -12.11 -22.05
N ALA B 74 34.17 -12.13 -23.27
CA ALA B 74 34.47 -13.25 -24.17
C ALA B 74 35.97 -13.35 -24.46
N ALA B 75 36.58 -12.23 -24.81
CA ALA B 75 38.05 -12.11 -24.83
C ALA B 75 38.50 -11.57 -23.47
N GLY B 76 38.56 -12.48 -22.51
CA GLY B 76 38.86 -12.07 -21.15
C GLY B 76 39.04 -13.26 -20.26
N SER B 77 39.06 -12.99 -18.95
CA SER B 77 39.21 -14.07 -17.97
C SER B 77 38.21 -15.19 -18.21
N GLN B 78 38.74 -16.43 -18.23
CA GLN B 78 37.90 -17.62 -18.22
C GLN B 78 36.82 -17.56 -17.16
N GLU B 79 37.10 -16.91 -16.03
CA GLU B 79 36.25 -16.92 -14.86
C GLU B 79 35.29 -15.74 -14.81
N LYS B 80 35.71 -14.58 -15.33
CA LYS B 80 34.82 -13.43 -15.46
C LYS B 80 33.77 -13.64 -16.55
N LEU B 81 34.08 -14.47 -17.54
CA LEU B 81 33.08 -14.87 -18.52
C LEU B 81 31.98 -15.71 -17.88
N ALA B 82 32.37 -16.70 -17.07
CA ALA B 82 31.40 -17.51 -16.35
C ALA B 82 30.37 -16.65 -15.60
N GLN B 83 30.80 -15.55 -14.98
CA GLN B 83 29.84 -14.72 -14.25
C GLN B 83 28.86 -14.02 -15.18
N ALA B 84 29.36 -13.47 -16.29
CA ALA B 84 28.47 -12.88 -17.30
C ALA B 84 27.39 -13.85 -17.77
N ALA B 85 27.76 -15.10 -18.05
CA ALA B 85 26.76 -16.10 -18.41
C ALA B 85 25.74 -16.31 -17.29
N GLN B 86 26.21 -16.62 -16.09
CA GLN B 86 25.33 -16.78 -14.95
C GLN B 86 24.45 -15.55 -14.71
N SER B 87 25.04 -14.36 -14.68
CA SER B 87 24.25 -13.15 -14.54
C SER B 87 23.19 -12.99 -15.62
N SER B 88 23.56 -13.22 -16.89
CA SER B 88 22.61 -13.02 -17.98
C SER B 88 21.42 -13.98 -17.90
N VAL B 89 21.66 -15.25 -17.53
CA VAL B 89 20.54 -16.17 -17.38
C VAL B 89 19.65 -15.78 -16.20
N ALA B 90 20.26 -15.38 -15.08
CA ALA B 90 19.45 -14.95 -13.94
C ALA B 90 18.58 -13.75 -14.31
N THR B 91 19.13 -12.81 -15.07
CA THR B 91 18.36 -11.63 -15.45
C THR B 91 17.22 -11.98 -16.40
N ILE B 92 17.48 -12.84 -17.38
CA ILE B 92 16.42 -13.19 -18.32
C ILE B 92 15.36 -14.01 -17.59
N THR B 93 15.76 -14.77 -16.57
CA THR B 93 14.77 -15.49 -15.77
C THR B 93 13.82 -14.52 -15.08
N ARG B 94 14.36 -13.48 -14.43
CA ARG B 94 13.48 -12.50 -13.81
C ARG B 94 12.59 -11.82 -14.85
N LEU B 95 13.17 -11.48 -16.01
CA LEU B 95 12.40 -10.84 -17.07
C LEU B 95 11.25 -11.73 -17.52
N ALA B 96 11.55 -12.99 -17.85
CA ALA B 96 10.51 -13.92 -18.26
C ALA B 96 9.40 -14.02 -17.21
N ASP B 97 9.77 -14.11 -15.94
CA ASP B 97 8.78 -14.22 -14.87
C ASP B 97 7.94 -12.94 -14.74
N VAL B 98 8.58 -11.77 -14.76
CA VAL B 98 7.81 -10.53 -14.67
C VAL B 98 6.98 -10.24 -15.92
N VAL B 99 7.48 -10.60 -17.11
CA VAL B 99 6.66 -10.47 -18.32
C VAL B 99 5.44 -11.39 -18.25
N LYS B 100 5.65 -12.66 -17.88
CA LYS B 100 4.53 -13.56 -17.62
C LYS B 100 3.49 -12.91 -16.71
N LEU B 101 3.92 -12.31 -15.60
CA LEU B 101 2.98 -11.67 -14.69
C LEU B 101 2.25 -10.53 -15.39
N GLY B 102 2.98 -9.74 -16.17
CA GLY B 102 2.32 -8.70 -16.96
C GLY B 102 1.25 -9.26 -17.86
N ALA B 103 1.51 -10.39 -18.51
CA ALA B 103 0.55 -10.95 -19.45
C ALA B 103 -0.67 -11.48 -18.71
N ALA B 104 -0.47 -12.11 -17.56
CA ALA B 104 -1.58 -12.61 -16.74
C ALA B 104 -2.52 -11.48 -16.37
N SER B 105 -1.97 -10.30 -16.06
CA SER B 105 -2.77 -9.19 -15.55
C SER B 105 -3.76 -8.67 -16.60
N LEU B 106 -3.52 -8.94 -17.88
CA LEU B 106 -4.47 -8.57 -18.92
C LEU B 106 -5.75 -9.38 -18.86
N GLY B 107 -5.73 -10.57 -18.27
CA GLY B 107 -6.88 -11.43 -18.15
C GLY B 107 -7.17 -12.28 -19.38
N ALA B 108 -7.91 -13.37 -19.14
CA ALA B 108 -8.11 -14.41 -20.14
C ALA B 108 -9.16 -14.07 -21.19
N GLU B 109 -9.85 -12.93 -21.06
CA GLU B 109 -10.79 -12.50 -22.09
C GLU B 109 -10.08 -12.02 -23.34
N ASP B 110 -8.80 -11.64 -23.23
CA ASP B 110 -7.94 -11.35 -24.38
C ASP B 110 -6.71 -12.23 -24.44
N PRO B 111 -6.88 -13.50 -24.83
CA PRO B 111 -5.73 -14.42 -24.90
C PRO B 111 -4.71 -14.01 -25.95
N GLU B 112 -5.14 -13.43 -27.07
CA GLU B 112 -4.23 -13.04 -28.15
C GLU B 112 -3.13 -12.12 -27.66
N THR B 113 -3.45 -11.17 -26.79
CA THR B 113 -2.42 -10.21 -26.38
C THR B 113 -1.47 -10.84 -25.39
N GLN B 114 -1.99 -11.72 -24.54
CA GLN B 114 -1.13 -12.47 -23.64
C GLN B 114 -0.08 -13.25 -24.43
N VAL B 115 -0.52 -13.94 -25.49
CA VAL B 115 0.39 -14.70 -26.35
C VAL B 115 1.37 -13.81 -27.08
N VAL B 116 0.92 -12.67 -27.62
CA VAL B 116 1.82 -11.67 -28.19
C VAL B 116 2.90 -11.26 -27.20
N LEU B 117 2.50 -11.02 -25.96
CA LEU B 117 3.43 -10.47 -24.98
C LEU B 117 4.51 -11.48 -24.63
N ILE B 118 4.14 -12.76 -24.46
CA ILE B 118 5.10 -13.79 -24.09
C ILE B 118 6.09 -14.04 -25.23
N ASN B 119 5.61 -14.01 -26.48
CA ASN B 119 6.53 -14.19 -27.61
C ASN B 119 7.58 -13.10 -27.68
N ALA B 120 7.23 -11.88 -27.27
CA ALA B 120 8.23 -10.83 -27.23
C ALA B 120 9.40 -11.19 -26.31
N VAL B 121 9.13 -11.76 -25.14
CA VAL B 121 10.25 -12.11 -24.26
C VAL B 121 10.90 -13.43 -24.70
N LYS B 122 10.12 -14.36 -25.25
CA LYS B 122 10.71 -15.55 -25.86
C LYS B 122 11.77 -15.16 -26.87
N ASP B 123 11.48 -14.15 -27.69
CA ASP B 123 12.43 -13.72 -28.71
C ASP B 123 13.71 -13.21 -28.07
N VAL B 124 13.58 -12.48 -26.97
CA VAL B 124 14.74 -12.04 -26.19
C VAL B 124 15.52 -13.23 -25.68
N ALA B 125 14.82 -14.22 -25.10
CA ALA B 125 15.47 -15.45 -24.65
C ALA B 125 16.24 -16.11 -25.78
N LYS B 126 15.63 -16.22 -26.96
CA LYS B 126 16.27 -16.86 -28.10
C LYS B 126 17.50 -16.07 -28.54
N ALA B 127 17.41 -14.75 -28.49
CA ALA B 127 18.55 -13.91 -28.84
C ALA B 127 19.69 -14.09 -27.84
N LEU B 128 19.35 -14.28 -26.55
CA LEU B 128 20.39 -14.51 -25.55
C LEU B 128 21.07 -15.85 -25.79
N GLY B 129 20.30 -16.88 -26.15
CA GLY B 129 20.91 -18.17 -26.47
C GLY B 129 21.95 -18.02 -27.56
N ASP B 130 21.60 -17.31 -28.63
CA ASP B 130 22.53 -17.05 -29.72
C ASP B 130 23.76 -16.31 -29.20
N LEU B 131 23.56 -15.30 -28.34
CA LEU B 131 24.66 -14.50 -27.85
C LEU B 131 25.62 -15.36 -27.03
N ILE B 132 25.10 -16.24 -26.19
CA ILE B 132 25.98 -17.10 -25.39
C ILE B 132 26.72 -18.08 -26.28
N SER B 133 26.03 -18.65 -27.26
CA SER B 133 26.68 -19.47 -28.28
C SER B 133 27.78 -18.69 -28.99
N ALA B 134 27.52 -17.42 -29.34
CA ALA B 134 28.53 -16.61 -30.01
C ALA B 134 29.69 -16.27 -29.09
N THR B 135 29.44 -16.12 -27.79
CA THR B 135 30.53 -15.81 -26.85
C THR B 135 31.49 -16.99 -26.71
N LYS B 136 30.94 -18.20 -26.57
CA LYS B 136 31.76 -19.40 -26.57
C LYS B 136 32.65 -19.48 -27.80
N ALA B 137 32.09 -19.33 -29.00
CA ALA B 137 32.92 -19.37 -30.20
C ALA B 137 33.96 -18.25 -30.22
N ALA B 138 33.65 -17.10 -29.65
CA ALA B 138 34.57 -15.98 -29.59
C ALA B 138 35.50 -15.99 -28.38
N ALA B 139 35.27 -16.90 -27.43
CA ALA B 139 36.11 -16.98 -26.23
C ALA B 139 37.58 -17.16 -26.55
N GLY B 140 38.40 -16.19 -26.17
CA GLY B 140 39.82 -16.18 -26.41
C GLY B 140 40.26 -15.55 -27.72
N LYS B 141 39.37 -15.43 -28.69
CA LYS B 141 39.72 -14.96 -30.02
C LYS B 141 39.84 -13.43 -30.03
N VAL B 142 40.77 -12.91 -30.81
CA VAL B 142 41.04 -11.47 -30.88
C VAL B 142 40.23 -10.73 -31.93
N GLY B 143 40.34 -9.40 -31.90
CA GLY B 143 39.85 -8.44 -32.89
C GLY B 143 39.89 -8.68 -34.39
N ASP B 144 40.73 -9.59 -34.89
CA ASP B 144 40.64 -9.93 -36.31
C ASP B 144 40.08 -11.33 -36.55
N ASP B 145 40.03 -12.17 -35.54
CA ASP B 145 39.29 -13.42 -35.64
C ASP B 145 37.81 -13.16 -35.88
N PRO B 146 37.20 -13.80 -36.88
CA PRO B 146 35.81 -13.50 -37.23
C PRO B 146 34.80 -13.77 -36.12
N ALA B 147 35.14 -14.60 -35.12
CA ALA B 147 34.22 -14.88 -34.03
C ALA B 147 33.91 -13.60 -33.27
N VAL B 148 34.85 -12.66 -33.29
CA VAL B 148 34.69 -11.39 -32.59
C VAL B 148 33.62 -10.55 -33.29
N TRP B 149 33.67 -10.50 -34.62
CA TRP B 149 32.62 -9.75 -35.28
C TRP B 149 31.31 -10.54 -35.30
N GLN B 150 31.38 -11.86 -35.33
CA GLN B 150 30.18 -12.69 -35.18
C GLN B 150 29.52 -12.43 -33.83
N LEU B 151 30.33 -12.29 -32.79
CA LEU B 151 29.81 -11.99 -31.46
C LEU B 151 29.14 -10.62 -31.40
N LYS B 152 29.79 -9.61 -31.96
CA LYS B 152 29.20 -8.27 -31.99
C LYS B 152 27.86 -8.27 -32.72
N ASN B 153 27.75 -9.02 -33.82
CA ASN B 153 26.46 -9.08 -34.50
C ASN B 153 25.43 -9.73 -33.59
N SER B 154 25.78 -10.82 -32.92
CA SER B 154 24.84 -11.50 -32.06
C SER B 154 24.42 -10.58 -30.91
N ALA B 155 25.36 -9.76 -30.41
CA ALA B 155 25.08 -8.79 -29.35
C ALA B 155 24.11 -7.71 -29.84
N LYS B 156 24.33 -7.21 -31.06
CA LYS B 156 23.46 -6.17 -31.60
C LYS B 156 22.05 -6.71 -31.80
N VAL B 157 21.93 -7.95 -32.30
CA VAL B 157 20.61 -8.55 -32.44
C VAL B 157 19.94 -8.70 -31.09
N MET B 158 20.73 -8.90 -30.03
CA MET B 158 20.18 -9.01 -28.69
C MET B 158 19.49 -7.72 -28.25
N VAL B 159 20.18 -6.59 -28.38
CA VAL B 159 19.59 -5.30 -27.99
C VAL B 159 18.33 -5.02 -28.80
N THR B 160 18.36 -5.35 -30.10
CA THR B 160 17.19 -5.14 -30.94
C THR B 160 15.98 -5.91 -30.41
N ASN B 161 16.19 -7.14 -29.97
CA ASN B 161 15.08 -7.93 -29.43
C ASN B 161 14.55 -7.34 -28.14
N VAL B 162 15.41 -6.75 -27.32
CA VAL B 162 14.97 -6.08 -26.10
C VAL B 162 14.12 -4.86 -26.45
N THR B 163 14.58 -4.04 -27.39
CA THR B 163 13.80 -2.87 -27.76
C THR B 163 12.45 -3.26 -28.35
N SER B 164 12.39 -4.35 -29.11
CA SER B 164 11.10 -4.84 -29.58
C SER B 164 10.19 -5.21 -28.41
N LEU B 165 10.74 -5.89 -27.40
CA LEU B 165 9.98 -6.17 -26.19
C LEU B 165 9.44 -4.88 -25.57
N LEU B 166 10.30 -3.85 -25.43
CA LEU B 166 9.84 -2.59 -24.84
C LEU B 166 8.81 -1.91 -25.73
N LYS B 167 8.97 -1.99 -27.05
CA LYS B 167 7.97 -1.40 -27.93
C LYS B 167 6.64 -2.11 -27.77
N THR B 168 6.68 -3.44 -27.61
CA THR B 168 5.45 -4.20 -27.44
C THR B 168 4.76 -3.84 -26.14
N VAL B 169 5.54 -3.74 -25.04
CA VAL B 169 4.99 -3.35 -23.75
C VAL B 169 4.30 -1.99 -23.83
N LYS B 170 4.90 -1.03 -24.53
CA LYS B 170 4.26 0.27 -24.69
C LYS B 170 2.92 0.14 -25.40
N ALA B 171 2.89 -0.56 -26.54
CA ALA B 171 1.65 -0.73 -27.30
C ALA B 171 0.54 -1.39 -26.48
N VAL B 172 0.88 -2.43 -25.70
CA VAL B 172 -0.12 -3.12 -24.89
C VAL B 172 -0.68 -2.20 -23.79
N GLU B 173 0.19 -1.45 -23.11
CA GLU B 173 -0.30 -0.55 -22.07
C GLU B 173 -1.16 0.56 -22.65
N ASP B 174 -0.81 1.07 -23.83
CA ASP B 174 -1.61 2.14 -24.44
C ASP B 174 -3.02 1.64 -24.74
N GLU B 175 -3.13 0.47 -25.35
CA GLU B 175 -4.45 -0.08 -25.68
C GLU B 175 -5.27 -0.35 -24.42
N ALA B 176 -4.63 -0.87 -23.38
CA ALA B 176 -5.38 -1.16 -22.16
C ALA B 176 -5.79 0.09 -21.38
N THR B 177 -5.25 1.27 -21.71
CA THR B 177 -5.62 2.50 -21.01
C THR B 177 -6.15 3.57 -21.96
N LYS B 178 -6.39 3.25 -23.24
CA LYS B 178 -6.83 4.27 -24.17
C LYS B 178 -8.14 4.91 -23.71
N GLY B 179 -9.04 4.12 -23.15
CA GLY B 179 -10.26 4.71 -22.60
C GLY B 179 -10.00 5.54 -21.35
N THR B 180 -9.17 5.05 -20.44
CA THR B 180 -8.83 5.86 -19.28
C THR B 180 -8.19 7.17 -19.72
N ARG B 181 -7.27 7.12 -20.67
CA ARG B 181 -6.64 8.36 -21.13
C ARG B 181 -7.63 9.26 -21.86
N ALA B 182 -8.63 8.67 -22.54
CA ALA B 182 -9.61 9.49 -23.23
C ALA B 182 -10.48 10.25 -22.24
N LEU B 183 -11.01 9.55 -21.23
CA LEU B 183 -11.84 10.19 -20.21
C LEU B 183 -11.08 11.27 -19.45
N GLU B 184 -9.82 10.99 -19.08
CA GLU B 184 -8.97 12.03 -18.48
C GLU B 184 -8.73 13.18 -19.44
N ALA B 185 -8.61 12.89 -20.74
CA ALA B 185 -8.44 13.96 -21.71
C ALA B 185 -9.67 14.86 -21.75
N THR B 186 -10.87 14.26 -21.71
CA THR B 186 -12.10 15.03 -21.69
C THR B 186 -12.23 15.91 -20.44
N THR B 187 -11.83 15.39 -19.28
CA THR B 187 -11.90 16.19 -18.05
C THR B 187 -10.99 17.40 -18.10
N GLU B 188 -9.85 17.26 -18.77
CA GLU B 188 -8.95 18.40 -18.90
C GLU B 188 -9.56 19.44 -19.84
N HIS B 189 -10.19 18.99 -20.93
CA HIS B 189 -10.86 19.91 -21.85
C HIS B 189 -11.94 20.70 -21.12
N ILE B 190 -12.76 20.02 -20.34
CA ILE B 190 -13.86 20.67 -19.62
C ILE B 190 -13.30 21.73 -18.67
N ARG B 191 -12.24 21.39 -17.94
CA ARG B 191 -11.54 22.35 -17.09
C ARG B 191 -11.08 23.58 -17.87
N GLN B 192 -10.58 23.38 -19.08
CA GLN B 192 -10.16 24.55 -19.87
C GLN B 192 -11.38 25.30 -20.39
N GLU B 193 -12.45 24.58 -20.75
CA GLU B 193 -13.66 25.26 -21.20
C GLU B 193 -14.28 26.06 -20.05
N LEU B 194 -14.20 25.52 -18.84
CA LEU B 194 -14.77 26.21 -17.68
C LEU B 194 -13.95 27.44 -17.33
N ALA B 195 -12.62 27.34 -17.46
CA ALA B 195 -11.76 28.49 -17.23
C ALA B 195 -12.11 29.62 -18.18
N VAL B 196 -12.32 29.28 -19.47
CA VAL B 196 -12.68 30.29 -20.46
C VAL B 196 -14.06 30.85 -20.18
N PHE B 197 -15.02 29.97 -19.91
CA PHE B 197 -16.38 30.36 -19.52
C PHE B 197 -16.36 31.36 -18.38
N CYS B 198 -15.57 31.08 -17.33
CA CYS B 198 -15.52 31.98 -16.19
C CYS B 198 -14.73 33.26 -16.43
N SER B 199 -14.03 33.39 -17.56
CA SER B 199 -13.18 34.56 -17.75
C SER B 199 -14.06 35.79 -17.99
N PRO B 200 -13.51 36.99 -17.77
CA PRO B 200 -14.31 38.21 -18.03
C PRO B 200 -14.50 38.56 -19.50
N GLU B 201 -13.86 37.87 -20.43
CA GLU B 201 -14.12 38.08 -21.84
C GLU B 201 -15.57 37.77 -22.19
N PRO B 202 -16.26 38.66 -22.89
CA PRO B 202 -17.61 38.35 -23.38
C PRO B 202 -17.58 37.22 -24.41
N PRO B 203 -18.70 36.53 -24.61
CA PRO B 203 -18.76 35.47 -25.62
C PRO B 203 -18.68 36.02 -27.04
N ALA B 204 -18.50 35.07 -27.96
CA ALA B 204 -18.39 35.38 -29.39
C ALA B 204 -19.64 36.07 -29.91
N LYS B 205 -20.82 35.63 -29.49
CA LYS B 205 -22.06 36.24 -29.97
C LYS B 205 -23.07 36.25 -28.84
N THR B 206 -24.26 36.75 -29.14
CA THR B 206 -25.39 36.55 -28.25
C THR B 206 -26.14 35.30 -28.67
N SER B 207 -27.10 34.90 -27.84
CA SER B 207 -27.86 33.70 -28.13
C SER B 207 -29.24 33.81 -27.50
N THR B 208 -30.08 32.93 -27.87
CA THR B 208 -31.44 32.94 -27.37
C THR B 208 -31.55 31.99 -26.20
N PRO B 209 -32.50 32.20 -25.29
CA PRO B 209 -32.75 31.18 -24.26
C PRO B 209 -32.94 29.79 -24.83
N GLU B 210 -33.61 29.68 -25.98
CA GLU B 210 -33.83 28.38 -26.62
C GLU B 210 -32.53 27.75 -27.10
N ASP B 211 -31.61 28.55 -27.66
CA ASP B 211 -30.28 28.06 -27.99
C ASP B 211 -29.55 27.52 -26.77
N PHE B 212 -29.47 28.31 -25.70
CA PHE B 212 -28.99 27.80 -24.42
C PHE B 212 -29.67 26.48 -24.06
N ILE B 213 -31.02 26.48 -24.04
CA ILE B 213 -31.76 25.29 -23.65
C ILE B 213 -31.42 24.08 -24.52
N ARG B 214 -31.27 24.26 -25.84
CA ARG B 214 -31.05 23.09 -26.68
C ARG B 214 -29.68 22.44 -26.41
N MET B 215 -28.64 23.25 -26.13
CA MET B 215 -27.33 22.69 -25.82
C MET B 215 -27.27 22.04 -24.44
N THR B 216 -28.38 22.09 -23.70
CA THR B 216 -28.50 21.52 -22.37
C THR B 216 -28.88 20.05 -22.41
N LYS B 217 -29.82 19.69 -23.28
CA LYS B 217 -30.23 18.29 -23.44
C LYS B 217 -29.08 17.37 -23.83
N GLY B 218 -28.06 17.89 -24.50
CA GLY B 218 -26.87 17.08 -24.71
C GLY B 218 -26.27 16.49 -23.44
N ILE B 219 -26.51 17.13 -22.30
CA ILE B 219 -26.01 16.65 -21.02
C ILE B 219 -26.71 15.38 -20.57
N THR B 220 -28.01 15.24 -20.86
CA THR B 220 -28.74 14.04 -20.48
C THR B 220 -28.09 12.76 -21.01
N MET B 221 -27.76 12.71 -22.31
CA MET B 221 -27.25 11.48 -22.86
CA MET B 221 -27.23 11.49 -22.90
C MET B 221 -25.83 11.18 -22.40
N ALA B 222 -25.02 12.22 -22.16
CA ALA B 222 -23.67 11.98 -21.69
C ALA B 222 -23.69 11.42 -20.27
N THR B 223 -24.51 12.00 -19.40
CA THR B 223 -24.65 11.48 -18.05
C THR B 223 -25.06 10.00 -18.06
N ALA B 224 -26.08 9.66 -18.85
CA ALA B 224 -26.51 8.27 -18.95
C ALA B 224 -25.40 7.35 -19.41
N LYS B 225 -24.61 7.79 -20.38
CA LYS B 225 -23.55 6.96 -20.94
C LYS B 225 -22.44 6.71 -19.92
N ALA B 226 -22.00 7.78 -19.23
CA ALA B 226 -21.06 7.66 -18.13
C ALA B 226 -21.55 6.72 -17.06
N VAL B 227 -22.82 6.82 -16.68
CA VAL B 227 -23.33 5.92 -15.65
C VAL B 227 -23.25 4.48 -16.15
N ALA B 228 -23.53 4.27 -17.44
CA ALA B 228 -23.40 2.94 -18.04
C ALA B 228 -21.96 2.45 -18.06
N ALA B 229 -21.02 3.33 -18.41
CA ALA B 229 -19.60 2.97 -18.46
C ALA B 229 -19.04 2.62 -17.09
N GLY B 230 -19.62 3.11 -16.02
CA GLY B 230 -19.12 2.81 -14.69
C GLY B 230 -19.63 1.45 -14.25
N ASN B 231 -20.89 1.17 -14.57
CA ASN B 231 -21.47 -0.14 -14.30
C ASN B 231 -20.88 -1.25 -15.18
N SER B 232 -20.42 -0.94 -16.39
CA SER B 232 -19.95 -1.94 -17.33
C SER B 232 -18.43 -2.08 -17.39
N CYS B 233 -17.71 -0.98 -17.19
CA CYS B 233 -16.25 -0.93 -17.24
C CYS B 233 -15.70 -1.32 -18.61
N ARG B 234 -16.53 -1.26 -19.64
CA ARG B 234 -16.13 -1.57 -21.01
C ARG B 234 -15.50 -0.38 -21.68
N GLN B 235 -14.28 -0.59 -22.21
CA GLN B 235 -13.51 0.49 -22.81
C GLN B 235 -14.26 1.17 -23.95
N GLU B 236 -15.17 0.47 -24.61
CA GLU B 236 -16.00 1.14 -25.62
C GLU B 236 -17.04 2.07 -24.98
N ASP B 237 -17.70 1.64 -23.91
CA ASP B 237 -18.49 2.56 -23.10
C ASP B 237 -17.68 3.73 -22.54
N VAL B 238 -16.42 3.50 -22.17
CA VAL B 238 -15.62 4.57 -21.57
C VAL B 238 -15.14 5.57 -22.60
N ILE B 239 -14.76 5.12 -23.80
CA ILE B 239 -14.38 6.08 -24.83
C ILE B 239 -15.59 6.92 -25.20
N ALA B 240 -16.78 6.31 -25.19
CA ALA B 240 -17.98 7.00 -25.64
C ALA B 240 -18.40 8.05 -24.63
N THR B 241 -18.28 7.74 -23.34
CA THR B 241 -18.52 8.73 -22.30
C THR B 241 -17.61 9.93 -22.48
N ALA B 242 -16.33 9.68 -22.71
CA ALA B 242 -15.38 10.77 -22.93
C ALA B 242 -15.83 11.65 -24.09
N ASN B 243 -16.21 11.03 -25.20
CA ASN B 243 -16.61 11.81 -26.37
C ASN B 243 -17.91 12.57 -26.13
N LEU B 244 -18.93 11.90 -25.59
CA LEU B 244 -20.19 12.60 -25.38
C LEU B 244 -20.05 13.70 -24.34
N SER B 245 -19.26 13.47 -23.31
CA SER B 245 -19.13 14.44 -22.23
C SER B 245 -18.43 15.69 -22.71
N ARG B 246 -17.35 15.53 -23.46
CA ARG B 246 -16.58 16.65 -23.95
C ARG B 246 -17.41 17.56 -24.86
N ARG B 247 -18.18 16.97 -25.78
CA ARG B 247 -19.03 17.80 -26.64
C ARG B 247 -20.19 18.43 -25.87
N ALA B 248 -20.89 17.63 -25.06
CA ALA B 248 -22.07 18.12 -24.34
C ALA B 248 -21.73 19.26 -23.38
N ILE B 249 -20.63 19.14 -22.63
CA ILE B 249 -20.30 20.19 -21.67
C ILE B 249 -19.79 21.42 -22.40
N ALA B 250 -18.93 21.23 -23.39
CA ALA B 250 -18.45 22.35 -24.19
C ALA B 250 -19.64 23.08 -24.84
N ASP B 251 -20.58 22.31 -25.39
CA ASP B 251 -21.75 22.90 -26.03
C ASP B 251 -22.57 23.73 -25.05
N MET B 252 -22.85 23.18 -23.86
CA MET B 252 -23.68 23.88 -22.90
C MET B 252 -22.99 25.15 -22.42
N LEU B 253 -21.72 25.05 -22.03
CA LEU B 253 -21.02 26.21 -21.45
C LEU B 253 -20.99 27.39 -22.41
N ARG B 254 -20.74 27.13 -23.69
CA ARG B 254 -20.66 28.21 -24.67
C ARG B 254 -22.01 28.89 -24.86
N ALA B 255 -23.06 28.10 -25.08
CA ALA B 255 -24.41 28.63 -25.27
C ALA B 255 -24.91 29.36 -24.02
N CYS B 256 -24.63 28.81 -22.84
CA CYS B 256 -24.93 29.50 -21.58
C CYS B 256 -24.37 30.91 -21.53
N LYS B 257 -23.06 31.07 -21.71
CA LYS B 257 -22.46 32.40 -21.66
C LYS B 257 -23.01 33.29 -22.76
N GLU B 258 -23.05 32.78 -23.99
CA GLU B 258 -23.64 33.52 -25.11
C GLU B 258 -25.04 34.05 -24.77
N ALA B 259 -25.89 33.20 -24.21
CA ALA B 259 -27.26 33.59 -23.88
C ALA B 259 -27.32 34.54 -22.69
N ALA B 260 -26.48 34.32 -21.67
CA ALA B 260 -26.47 35.20 -20.49
C ALA B 260 -26.05 36.62 -20.86
N PHE B 261 -25.11 36.76 -21.79
CA PHE B 261 -24.56 38.06 -22.16
C PHE B 261 -25.45 38.82 -23.14
N HIS B 262 -26.56 38.23 -23.57
CA HIS B 262 -27.50 38.96 -24.41
C HIS B 262 -27.92 40.23 -23.68
N PRO B 263 -27.79 41.41 -24.29
CA PRO B 263 -28.24 42.66 -23.65
C PRO B 263 -29.69 42.71 -23.18
N GLU B 264 -30.55 41.83 -23.68
CA GLU B 264 -31.91 41.70 -23.17
C GLU B 264 -31.97 41.11 -21.76
N VAL B 265 -30.93 40.42 -21.32
CA VAL B 265 -30.91 39.75 -20.02
C VAL B 265 -30.47 40.71 -18.92
N ALA B 266 -31.29 40.78 -17.88
CA ALA B 266 -31.00 41.55 -16.67
C ALA B 266 -29.74 41.02 -15.99
N PRO B 267 -28.92 41.90 -15.40
CA PRO B 267 -27.65 41.43 -14.80
C PRO B 267 -27.81 40.38 -13.71
N ASP B 268 -28.91 40.38 -12.94
CA ASP B 268 -29.09 39.32 -11.95
C ASP B 268 -29.36 37.97 -12.61
N VAL B 269 -30.10 37.98 -13.72
CA VAL B 269 -30.35 36.76 -14.47
C VAL B 269 -29.09 36.27 -15.17
N ARG B 270 -28.32 37.18 -15.78
CA ARG B 270 -26.98 36.79 -16.25
C ARG B 270 -26.17 36.14 -15.14
N LEU B 271 -26.12 36.77 -13.96
CA LEU B 271 -25.45 36.20 -12.81
C LEU B 271 -25.94 34.78 -12.54
N ARG B 272 -27.27 34.61 -12.47
CA ARG B 272 -27.88 33.32 -12.16
C ARG B 272 -27.49 32.29 -13.20
N ALA B 273 -27.52 32.66 -14.48
CA ALA B 273 -27.25 31.69 -15.53
C ALA B 273 -25.77 31.27 -15.50
N LEU B 274 -24.88 32.24 -15.33
CA LEU B 274 -23.45 31.93 -15.30
C LEU B 274 -23.11 31.07 -14.09
N HIS B 275 -23.68 31.39 -12.93
CA HIS B 275 -23.47 30.58 -11.74
C HIS B 275 -23.93 29.13 -11.91
N TYR B 276 -25.15 28.92 -12.40
CA TYR B 276 -25.57 27.52 -12.54
C TYR B 276 -24.91 26.83 -13.73
N GLY B 277 -24.41 27.59 -14.70
CA GLY B 277 -23.61 26.98 -15.75
C GLY B 277 -22.36 26.34 -15.18
N ARG B 278 -21.65 27.09 -14.34
CA ARG B 278 -20.45 26.62 -13.66
C ARG B 278 -20.76 25.48 -12.71
N GLU B 279 -21.86 25.59 -11.95
CA GLU B 279 -22.24 24.54 -11.01
C GLU B 279 -22.40 23.20 -11.73
N CYS B 280 -23.07 23.22 -12.88
CA CYS B 280 -23.34 21.98 -13.61
C CYS B 280 -22.06 21.32 -14.07
N ALA B 281 -21.16 22.12 -14.65
CA ALA B 281 -19.86 21.61 -15.09
C ALA B 281 -19.07 20.99 -13.94
N ASN B 282 -18.95 21.71 -12.82
CA ASN B 282 -18.19 21.17 -11.69
C ASN B 282 -18.80 19.89 -11.16
N GLY B 283 -20.11 19.88 -11.00
CA GLY B 283 -20.79 18.65 -10.59
C GLY B 283 -20.55 17.51 -11.57
N TYR B 284 -20.54 17.82 -12.86
CA TYR B 284 -20.28 16.81 -13.89
C TYR B 284 -18.86 16.27 -13.81
N LEU B 285 -17.85 17.15 -13.69
CA LEU B 285 -16.48 16.69 -13.44
C LEU B 285 -16.41 15.76 -12.25
N GLU B 286 -17.09 16.06 -11.15
CA GLU B 286 -17.03 15.15 -10.03
C GLU B 286 -17.61 13.79 -10.38
N LEU B 287 -18.69 13.75 -11.16
CA LEU B 287 -19.18 12.47 -11.67
C LEU B 287 -18.11 11.75 -12.49
N LEU B 288 -17.51 12.44 -13.48
CA LEU B 288 -16.51 11.78 -14.32
C LEU B 288 -15.29 11.31 -13.51
N ASP B 289 -14.90 12.10 -12.51
CA ASP B 289 -13.77 11.70 -11.69
C ASP B 289 -14.10 10.48 -10.85
N HIS B 290 -15.33 10.41 -10.36
CA HIS B 290 -15.79 9.22 -9.64
C HIS B 290 -15.84 8.03 -10.59
N VAL B 291 -16.22 8.25 -11.84
CA VAL B 291 -16.20 7.18 -12.83
C VAL B 291 -14.78 6.63 -12.97
N LEU B 292 -13.79 7.52 -13.09
CA LEU B 292 -12.40 7.07 -13.17
C LEU B 292 -12.02 6.25 -11.94
N LEU B 293 -12.37 6.74 -10.75
CA LEU B 293 -12.21 5.97 -9.51
C LEU B 293 -12.82 4.58 -9.65
N THR B 294 -14.05 4.51 -10.16
CA THR B 294 -14.77 3.24 -10.25
C THR B 294 -14.05 2.28 -11.20
N LEU B 295 -13.59 2.78 -12.34
CA LEU B 295 -12.87 1.94 -13.29
C LEU B 295 -11.57 1.39 -12.71
N GLN B 296 -10.97 2.11 -11.75
CA GLN B 296 -9.69 1.68 -11.17
C GLN B 296 -9.84 0.44 -10.30
N LYS B 297 -11.02 0.21 -9.74
CA LYS B 297 -11.32 -1.01 -8.99
C LYS B 297 -12.80 -1.02 -8.64
N PRO B 298 -13.63 -1.55 -9.53
CA PRO B 298 -15.08 -1.60 -9.31
C PRO B 298 -15.47 -2.31 -8.04
N ASN B 299 -16.53 -1.82 -7.41
CA ASN B 299 -17.26 -2.58 -6.40
C ASN B 299 -18.71 -2.13 -6.42
N PRO B 300 -19.60 -2.89 -5.78
CA PRO B 300 -21.04 -2.53 -5.84
C PRO B 300 -21.39 -1.19 -5.23
N ASP B 301 -20.68 -0.76 -4.20
CA ASP B 301 -21.01 0.49 -3.54
C ASP B 301 -20.65 1.69 -4.41
N LEU B 302 -19.47 1.68 -5.03
CA LEU B 302 -19.13 2.75 -5.97
C LEU B 302 -20.18 2.90 -7.04
N LYS B 303 -20.64 1.78 -7.60
CA LYS B 303 -21.67 1.82 -8.62
C LYS B 303 -22.94 2.48 -8.10
N GLN B 304 -23.42 2.03 -6.93
CA GLN B 304 -24.55 2.71 -6.31
C GLN B 304 -24.27 4.20 -6.08
N GLN B 305 -23.02 4.54 -5.76
CA GLN B 305 -22.66 5.94 -5.59
C GLN B 305 -22.77 6.71 -6.90
N LEU B 306 -22.68 6.04 -8.05
CA LEU B 306 -22.83 6.75 -9.32
C LEU B 306 -24.21 7.35 -9.45
N THR B 307 -25.22 6.69 -8.87
CA THR B 307 -26.57 7.22 -8.90
C THR B 307 -26.63 8.57 -8.18
N GLY B 308 -26.00 8.69 -7.03
CA GLY B 308 -25.98 9.96 -6.34
C GLY B 308 -25.36 11.05 -7.19
N HIS B 309 -24.20 10.76 -7.77
CA HIS B 309 -23.57 11.72 -8.68
C HIS B 309 -24.49 12.04 -9.84
N SER B 310 -25.20 11.03 -10.36
CA SER B 310 -26.10 11.23 -11.49
C SER B 310 -27.34 12.06 -11.13
N LYS B 311 -27.94 11.81 -9.96
CA LYS B 311 -29.03 12.67 -9.49
C LYS B 311 -28.61 14.13 -9.42
N ARG B 312 -27.39 14.41 -8.97
CA ARG B 312 -27.00 15.80 -8.83
C ARG B 312 -26.88 16.49 -10.18
N VAL B 313 -26.25 15.83 -11.14
CA VAL B 313 -26.19 16.43 -12.48
C VAL B 313 -27.59 16.69 -13.01
N ALA B 314 -28.48 15.69 -12.94
CA ALA B 314 -29.87 15.93 -13.33
C ALA B 314 -30.45 17.15 -12.61
N GLY B 315 -30.21 17.23 -11.29
CA GLY B 315 -30.59 18.40 -10.50
C GLY B 315 -30.08 19.72 -11.06
N SER B 316 -28.78 19.79 -11.35
CA SER B 316 -28.19 20.98 -11.94
C SER B 316 -28.78 21.30 -13.31
N VAL B 317 -29.08 20.28 -14.11
CA VAL B 317 -29.68 20.54 -15.42
C VAL B 317 -31.01 21.26 -15.28
N THR B 318 -31.85 20.86 -14.31
CA THR B 318 -33.13 21.53 -14.09
C THR B 318 -32.93 23.00 -13.76
N GLU B 319 -32.01 23.30 -12.84
CA GLU B 319 -31.64 24.68 -12.50
C GLU B 319 -31.23 25.46 -13.74
N LEU B 320 -30.45 24.85 -14.62
CA LEU B 320 -30.00 25.55 -15.83
C LEU B 320 -31.17 25.97 -16.70
N ILE B 321 -32.16 25.09 -16.86
CA ILE B 321 -33.33 25.44 -17.68
C ILE B 321 -34.12 26.56 -17.02
N GLN B 322 -34.37 26.45 -15.71
CA GLN B 322 -34.99 27.55 -14.98
C GLN B 322 -34.22 28.86 -15.16
N ALA B 323 -32.89 28.79 -15.09
CA ALA B 323 -32.07 29.96 -15.41
C ALA B 323 -32.35 30.47 -16.81
N ALA B 324 -32.40 29.55 -17.78
CA ALA B 324 -32.77 29.90 -19.15
C ALA B 324 -34.19 30.46 -19.22
N GLU B 325 -35.10 29.86 -18.45
CA GLU B 325 -36.49 30.30 -18.46
C GLU B 325 -36.60 31.73 -17.97
N ALA B 326 -35.76 32.10 -17.00
CA ALA B 326 -35.78 33.43 -16.41
C ALA B 326 -35.23 34.46 -17.40
N MET B 327 -35.23 34.14 -18.70
CA MET B 327 -34.72 35.08 -19.69
C MET B 327 -35.87 35.57 -20.57
N LYS B 328 -36.90 36.13 -19.94
CA LYS B 328 -38.00 36.84 -20.59
C LYS B 328 -38.86 37.51 -19.52
N THR C 1 -19.20 -3.20 25.07
CA THR C 1 -17.92 -2.65 24.66
C THR C 1 -17.51 -3.18 23.28
N LEU C 2 -16.77 -2.36 22.53
CA LEU C 2 -16.34 -2.69 21.18
C LEU C 2 -14.85 -2.42 21.03
N ASP C 3 -14.17 -3.27 20.28
CA ASP C 3 -12.75 -3.10 19.99
C ASP C 3 -12.58 -2.64 18.54
N ILE C 4 -11.32 -2.44 18.15
CA ILE C 4 -11.04 -1.81 16.86
C ILE C 4 -11.54 -2.67 15.70
N ASP C 5 -11.61 -3.98 15.88
CA ASP C 5 -12.07 -4.83 14.79
C ASP C 5 -13.52 -4.57 14.45
N GLN C 6 -14.36 -4.35 15.46
CA GLN C 6 -15.78 -4.10 15.25
C GLN C 6 -16.09 -2.63 15.02
N SER C 7 -15.36 -1.74 15.68
CA SER C 7 -15.57 -0.30 15.47
C SER C 7 -15.35 0.07 14.01
N ILE C 8 -14.28 -0.44 13.40
CA ILE C 8 -14.01 -0.15 12.00
C ILE C 8 -15.09 -0.73 11.09
N GLU C 9 -15.80 -1.76 11.55
CA GLU C 9 -16.92 -2.27 10.77
C GLU C 9 -18.13 -1.34 10.87
N GLN C 10 -18.55 -1.00 12.08
CA GLN C 10 -19.69 -0.11 12.25
C GLN C 10 -19.44 1.24 11.60
N LEU C 11 -18.18 1.68 11.57
CA LEU C 11 -17.87 2.99 11.03
C LEU C 11 -17.80 3.00 9.51
N ASN C 12 -17.48 1.86 8.90
CA ASN C 12 -17.55 1.81 7.44
C ASN C 12 -18.99 1.79 6.97
N ARG C 13 -19.89 1.20 7.75
CA ARG C 13 -21.32 1.33 7.46
C ARG C 13 -21.79 2.75 7.70
N LEU C 14 -21.31 3.38 8.77
CA LEU C 14 -21.67 4.76 9.06
C LEU C 14 -21.18 5.71 7.98
N ILE C 15 -20.04 5.41 7.35
CA ILE C 15 -19.56 6.23 6.25
C ILE C 15 -20.56 6.18 5.10
N LEU C 16 -21.20 5.03 4.89
CA LEU C 16 -22.17 4.92 3.82
C LEU C 16 -23.51 5.53 4.18
N GLU C 17 -23.91 5.47 5.46
CA GLU C 17 -25.11 6.19 5.88
C GLU C 17 -24.97 7.68 5.57
N LEU C 18 -23.90 8.29 6.07
CA LEU C 18 -23.65 9.71 5.81
C LEU C 18 -23.54 10.00 4.33
N ASP C 19 -22.85 9.12 3.57
CA ASP C 19 -22.55 9.36 2.16
C ASP C 19 -23.83 9.66 1.39
N PRO C 20 -24.03 10.92 0.97
CA PRO C 20 -25.30 11.28 0.32
C PRO C 20 -25.38 10.86 -1.14
N THR C 21 -24.29 10.38 -1.75
CA THR C 21 -24.38 9.73 -3.05
C THR C 21 -24.90 8.29 -2.94
N PHE C 22 -24.80 7.70 -1.75
CA PHE C 22 -25.17 6.30 -1.53
C PHE C 22 -26.54 6.27 -0.88
N GLU C 23 -27.56 5.93 -1.67
CA GLU C 23 -28.94 5.87 -1.18
C GLU C 23 -29.71 4.81 -1.96
N PRO C 24 -29.63 3.54 -1.52
CA PRO C 24 -30.32 2.40 -2.15
C PRO C 24 -31.84 2.53 -2.10
N ASP D 3 10.41 8.23 -18.34
CA ASP D 3 10.41 6.81 -17.96
C ASP D 3 10.58 5.90 -19.17
N ILE D 4 9.46 5.39 -19.71
CA ILE D 4 9.46 4.44 -20.81
C ILE D 4 9.99 5.10 -22.08
N ASP D 5 9.27 6.10 -22.59
CA ASP D 5 9.61 6.71 -23.87
C ASP D 5 11.03 7.26 -23.87
N GLN D 6 11.56 7.62 -22.71
CA GLN D 6 12.95 8.07 -22.61
C GLN D 6 13.92 6.91 -22.57
N SER D 7 13.51 5.76 -22.03
CA SER D 7 14.37 4.59 -22.01
C SER D 7 14.35 3.85 -23.34
N ILE D 8 13.26 3.94 -24.09
CA ILE D 8 13.20 3.32 -25.41
C ILE D 8 14.13 4.05 -26.38
N GLU D 9 14.15 5.38 -26.32
CA GLU D 9 15.12 6.13 -27.11
C GLU D 9 16.55 5.79 -26.68
N GLN D 10 16.78 5.70 -25.38
CA GLN D 10 18.12 5.33 -24.88
C GLN D 10 18.56 3.99 -25.46
N LEU D 11 17.68 3.00 -25.42
CA LEU D 11 18.05 1.67 -25.88
C LEU D 11 18.18 1.61 -27.39
N ASN D 12 17.44 2.45 -28.12
CA ASN D 12 17.60 2.53 -29.55
C ASN D 12 18.91 3.21 -29.95
N ARG D 13 19.50 3.99 -29.04
CA ARG D 13 20.79 4.60 -29.32
C ARG D 13 21.95 3.67 -29.05
N LEU D 14 21.80 2.75 -28.10
CA LEU D 14 22.83 1.74 -27.86
C LEU D 14 23.04 0.84 -29.08
N ILE D 15 22.04 0.77 -29.97
CA ILE D 15 22.18 0.12 -31.26
C ILE D 15 23.27 0.81 -32.06
N LEU D 16 24.43 0.19 -32.13
CA LEU D 16 25.59 0.79 -32.82
C LEU D 16 26.20 -0.17 -33.83
#